data_1KMA
#
_entry.id   1KMA
#
_entity_poly.entity_id   1
_entity_poly.type   'polypeptide(L)'
_entity_poly.pdbx_seq_one_letter_code
;FQGNPCECPRALHRVCGSDGNTYSNPCMLTCAKHEGNPDLVQVHEGPCDEHDHDF
;
_entity_poly.pdbx_strand_id   A
#
# COMPACT_ATOMS: atom_id res chain seq x y z
N PHE A 1 0.36 -16.95 -4.07
CA PHE A 1 0.32 -15.50 -3.79
C PHE A 1 0.49 -15.32 -2.30
N GLN A 2 1.77 -15.39 -1.89
CA GLN A 2 2.24 -15.19 -0.55
C GLN A 2 3.77 -15.27 -0.65
N GLY A 3 4.47 -14.33 -0.02
CA GLY A 3 5.94 -14.34 0.15
C GLY A 3 6.73 -13.99 -1.12
N ASN A 4 6.21 -14.34 -2.31
CA ASN A 4 6.71 -13.83 -3.59
C ASN A 4 6.43 -12.32 -3.73
N PRO A 5 5.17 -11.84 -3.61
CA PRO A 5 4.87 -10.42 -3.73
C PRO A 5 5.38 -9.60 -2.54
N CYS A 6 5.13 -10.05 -1.31
CA CYS A 6 5.52 -9.33 -0.09
C CYS A 6 6.83 -9.91 0.44
N GLU A 7 7.81 -9.03 0.62
CA GLU A 7 9.09 -9.28 1.26
C GLU A 7 9.68 -8.00 1.85
N CYS A 8 9.27 -6.85 1.32
CA CYS A 8 9.71 -5.52 1.73
C CYS A 8 9.66 -5.26 3.23
N PRO A 9 10.44 -4.26 3.70
CA PRO A 9 10.59 -4.00 5.11
C PRO A 9 9.35 -3.32 5.68
N ARG A 10 9.30 -3.25 7.01
CA ARG A 10 8.24 -2.56 7.75
C ARG A 10 8.51 -1.05 7.77
N ALA A 11 8.90 -0.49 6.63
CA ALA A 11 9.03 0.93 6.40
C ALA A 11 7.65 1.58 6.47
N LEU A 12 7.48 2.56 7.36
CA LEU A 12 6.28 3.35 7.58
C LEU A 12 6.09 4.42 6.47
N HIS A 13 6.34 4.02 5.22
CA HIS A 13 6.25 4.92 4.07
C HIS A 13 4.80 4.99 3.60
N ARG A 14 3.89 5.49 4.44
CA ARG A 14 2.44 5.42 4.20
C ARG A 14 2.05 6.03 2.85
N VAL A 15 1.19 5.34 2.08
CA VAL A 15 0.73 5.74 0.75
C VAL A 15 -0.75 5.48 0.56
N CYS A 16 -1.30 5.76 -0.62
CA CYS A 16 -2.69 5.58 -0.93
C CYS A 16 -2.85 4.71 -2.18
N GLY A 17 -3.82 3.78 -2.14
CA GLY A 17 -4.30 3.08 -3.31
C GLY A 17 -5.57 3.74 -3.86
N SER A 18 -5.98 3.33 -5.07
CA SER A 18 -7.06 3.97 -5.84
C SER A 18 -8.37 4.20 -5.09
N ASP A 19 -8.70 3.33 -4.14
CA ASP A 19 -9.87 3.43 -3.28
C ASP A 19 -9.78 4.61 -2.29
N GLY A 20 -8.69 5.39 -2.28
CA GLY A 20 -8.35 6.28 -1.18
C GLY A 20 -7.77 5.51 0.01
N ASN A 21 -7.65 4.18 -0.10
CA ASN A 21 -7.28 3.28 0.96
C ASN A 21 -5.79 3.40 1.24
N THR A 22 -5.41 3.95 2.40
CA THR A 22 -4.02 4.09 2.75
C THR A 22 -3.37 2.70 2.95
N TYR A 23 -2.10 2.57 2.55
CA TYR A 23 -1.25 1.40 2.73
C TYR A 23 -0.05 1.82 3.56
N SER A 24 0.46 0.92 4.41
CA SER A 24 1.66 1.13 5.24
C SER A 24 2.91 1.45 4.40
N ASN A 25 2.99 0.96 3.16
CA ASN A 25 4.05 1.27 2.20
C ASN A 25 3.61 0.85 0.80
N PRO A 26 4.17 1.47 -0.27
CA PRO A 26 3.78 1.16 -1.65
C PRO A 26 4.28 -0.23 -2.05
N CYS A 27 5.23 -0.80 -1.28
CA CYS A 27 5.70 -2.15 -1.51
C CYS A 27 4.61 -3.18 -1.15
N MET A 28 3.88 -2.97 -0.04
CA MET A 28 2.73 -3.81 0.26
C MET A 28 1.60 -3.65 -0.76
N LEU A 29 1.41 -2.47 -1.35
CA LEU A 29 0.44 -2.25 -2.44
C LEU A 29 0.80 -3.15 -3.61
N THR A 30 1.92 -2.91 -4.29
CA THR A 30 2.29 -3.76 -5.43
C THR A 30 2.26 -5.24 -5.07
N CYS A 31 2.74 -5.60 -3.85
CA CYS A 31 2.67 -6.94 -3.34
C CYS A 31 1.23 -7.42 -3.45
N ALA A 32 0.34 -6.84 -2.65
CA ALA A 32 -1.10 -7.07 -2.64
C ALA A 32 -1.62 -7.22 -4.06
N LYS A 33 -1.30 -6.24 -4.90
CA LYS A 33 -1.73 -6.20 -6.29
C LYS A 33 -1.42 -7.51 -6.99
N HIS A 34 -0.13 -7.83 -7.09
CA HIS A 34 0.37 -9.07 -7.67
C HIS A 34 -0.03 -10.31 -6.86
N GLU A 35 -0.44 -10.13 -5.59
CA GLU A 35 -0.86 -11.23 -4.74
C GLU A 35 -2.29 -11.62 -5.16
N GLY A 36 -3.24 -10.73 -4.95
CA GLY A 36 -4.66 -11.00 -5.14
C GLY A 36 -5.48 -9.74 -5.33
N ASN A 37 -4.88 -8.62 -5.79
CA ASN A 37 -5.62 -7.36 -5.93
C ASN A 37 -5.43 -6.82 -7.35
N PRO A 38 -5.81 -7.51 -8.44
CA PRO A 38 -5.54 -7.04 -9.79
C PRO A 38 -6.20 -5.68 -10.10
N ASP A 39 -7.19 -5.29 -9.30
CA ASP A 39 -7.91 -4.01 -9.34
C ASP A 39 -7.14 -2.85 -8.70
N LEU A 40 -6.24 -3.15 -7.75
CA LEU A 40 -5.40 -2.15 -7.13
C LEU A 40 -4.48 -1.62 -8.19
N VAL A 41 -4.01 -0.39 -8.05
CA VAL A 41 -3.06 0.25 -8.93
C VAL A 41 -2.29 1.25 -8.07
N GLN A 42 -1.02 1.51 -8.41
CA GLN A 42 -0.27 2.62 -7.85
C GLN A 42 -0.83 3.90 -8.47
N VAL A 43 -1.90 4.43 -7.88
CA VAL A 43 -2.47 5.72 -8.24
C VAL A 43 -1.40 6.79 -8.13
N HIS A 44 -0.67 6.79 -7.00
CA HIS A 44 0.36 7.74 -6.58
C HIS A 44 0.63 7.47 -5.09
N GLU A 45 1.84 7.75 -4.64
CA GLU A 45 2.33 7.63 -3.26
C GLU A 45 1.66 8.67 -2.35
N GLY A 46 2.10 8.76 -1.09
CA GLY A 46 1.56 9.68 -0.11
C GLY A 46 0.18 9.19 0.39
N PRO A 47 -0.14 9.35 1.68
CA PRO A 47 -1.37 8.80 2.23
C PRO A 47 -2.56 9.69 1.87
N CYS A 48 -3.72 9.09 1.60
CA CYS A 48 -4.95 9.85 1.31
C CYS A 48 -5.66 10.26 2.59
N ASP A 49 -5.76 9.34 3.57
CA ASP A 49 -6.25 9.64 4.90
C ASP A 49 -5.28 10.61 5.60
N GLU A 50 -5.76 11.31 6.63
CA GLU A 50 -5.05 12.34 7.38
C GLU A 50 -3.76 11.77 7.96
N HIS A 51 -3.89 10.80 8.90
CA HIS A 51 -2.75 10.15 9.54
C HIS A 51 -3.15 8.89 10.33
N ASP A 52 -4.13 8.11 9.88
CA ASP A 52 -4.83 7.07 10.64
C ASP A 52 -5.74 6.32 9.66
N HIS A 53 -6.69 5.49 10.11
CA HIS A 53 -7.48 4.62 9.24
C HIS A 53 -8.84 4.31 9.89
N ASP A 54 -9.50 5.34 10.42
CA ASP A 54 -10.63 5.23 11.33
C ASP A 54 -11.27 6.61 11.51
N PHE A 55 -12.55 6.63 11.91
CA PHE A 55 -13.34 7.85 12.12
C PHE A 55 -13.08 8.42 13.52
N PHE A 1 1.02 -16.52 -4.34
CA PHE A 1 0.71 -15.21 -3.73
C PHE A 1 0.89 -15.31 -2.22
N GLN A 2 1.98 -14.73 -1.69
CA GLN A 2 2.09 -14.29 -0.31
C GLN A 2 3.38 -13.47 -0.12
N GLY A 3 4.50 -14.13 0.22
CA GLY A 3 5.80 -13.49 0.45
C GLY A 3 6.54 -13.19 -0.85
N ASN A 4 6.13 -13.80 -1.97
CA ASN A 4 6.64 -13.46 -3.29
C ASN A 4 6.32 -12.02 -3.74
N PRO A 5 5.08 -11.52 -3.55
CA PRO A 5 4.81 -10.10 -3.52
C PRO A 5 5.41 -9.42 -2.27
N CYS A 6 5.17 -9.91 -1.06
CA CYS A 6 5.59 -9.23 0.17
C CYS A 6 7.00 -9.63 0.64
N GLU A 7 8.03 -9.22 -0.10
CA GLU A 7 9.43 -9.31 0.35
C GLU A 7 9.85 -8.14 1.24
N CYS A 8 9.05 -7.07 1.25
CA CYS A 8 9.48 -5.73 1.65
C CYS A 8 9.55 -5.44 3.15
N PRO A 9 10.28 -4.36 3.52
CA PRO A 9 10.49 -4.00 4.93
C PRO A 9 9.23 -3.33 5.50
N ARG A 10 9.19 -3.23 6.83
CA ARG A 10 8.13 -2.55 7.55
C ARG A 10 8.44 -1.04 7.62
N ALA A 11 8.89 -0.46 6.50
CA ALA A 11 9.10 0.94 6.28
C ALA A 11 7.77 1.68 6.30
N LEU A 12 7.62 2.67 7.19
CA LEU A 12 6.44 3.52 7.37
C LEU A 12 6.36 4.60 6.26
N HIS A 13 6.61 4.22 5.02
CA HIS A 13 6.57 5.13 3.87
C HIS A 13 5.17 5.09 3.26
N ARG A 14 4.14 5.41 4.06
CA ARG A 14 2.73 5.28 3.75
C ARG A 14 2.32 5.96 2.45
N VAL A 15 1.34 5.39 1.77
CA VAL A 15 0.92 5.80 0.43
C VAL A 15 -0.55 5.57 0.20
N CYS A 16 -1.17 6.34 -0.69
CA CYS A 16 -2.55 6.16 -1.09
C CYS A 16 -2.65 5.15 -2.22
N GLY A 17 -3.58 4.20 -2.14
CA GLY A 17 -4.10 3.46 -3.27
C GLY A 17 -5.40 4.10 -3.75
N SER A 18 -5.82 3.74 -4.98
CA SER A 18 -6.88 4.38 -5.75
C SER A 18 -8.23 4.60 -5.07
N ASP A 19 -8.56 3.79 -4.06
CA ASP A 19 -9.76 3.93 -3.25
C ASP A 19 -9.67 5.14 -2.29
N GLY A 20 -8.56 5.89 -2.28
CA GLY A 20 -8.18 6.74 -1.16
C GLY A 20 -7.49 5.91 -0.05
N ASN A 21 -7.53 4.59 -0.20
CA ASN A 21 -7.15 3.51 0.67
C ASN A 21 -5.65 3.50 0.91
N THR A 22 -5.21 4.10 2.01
CA THR A 22 -3.80 4.17 2.35
C THR A 22 -3.20 2.78 2.65
N TYR A 23 -1.95 2.54 2.27
CA TYR A 23 -1.13 1.36 2.60
C TYR A 23 0.14 1.85 3.28
N SER A 24 0.75 1.01 4.13
CA SER A 24 1.92 1.37 4.93
C SER A 24 3.19 1.65 4.12
N ASN A 25 3.29 1.15 2.88
CA ASN A 25 4.29 1.51 1.88
C ASN A 25 3.82 1.03 0.50
N PRO A 26 4.36 1.58 -0.62
CA PRO A 26 3.90 1.22 -1.96
C PRO A 26 4.25 -0.23 -2.28
N CYS A 27 5.22 -0.80 -1.55
CA CYS A 27 5.56 -2.19 -1.66
C CYS A 27 4.44 -3.07 -1.11
N MET A 28 3.87 -2.76 0.07
CA MET A 28 2.74 -3.51 0.62
C MET A 28 1.51 -3.41 -0.28
N LEU A 29 1.27 -2.24 -0.90
CA LEU A 29 0.28 -2.07 -1.98
C LEU A 29 0.59 -3.02 -3.12
N THR A 30 1.71 -2.82 -3.81
CA THR A 30 1.99 -3.62 -5.01
C THR A 30 2.05 -5.11 -4.68
N CYS A 31 2.51 -5.46 -3.47
CA CYS A 31 2.47 -6.79 -2.93
C CYS A 31 1.03 -7.26 -3.00
N ALA A 32 0.15 -6.66 -2.19
CA ALA A 32 -1.29 -6.88 -2.18
C ALA A 32 -1.84 -7.05 -3.58
N LYS A 33 -1.52 -6.08 -4.45
CA LYS A 33 -1.94 -6.04 -5.84
C LYS A 33 -1.69 -7.38 -6.51
N HIS A 34 -0.41 -7.79 -6.57
CA HIS A 34 -0.03 -9.09 -7.10
C HIS A 34 -0.47 -10.25 -6.23
N GLU A 35 -0.76 -10.02 -4.94
CA GLU A 35 -1.13 -11.12 -4.03
C GLU A 35 -2.59 -11.51 -4.30
N GLY A 36 -3.50 -10.52 -4.37
CA GLY A 36 -4.92 -10.76 -4.59
C GLY A 36 -5.75 -9.49 -4.84
N ASN A 37 -5.16 -8.40 -5.35
CA ASN A 37 -5.88 -7.14 -5.59
C ASN A 37 -5.59 -6.64 -7.01
N PRO A 38 -5.96 -7.35 -8.10
CA PRO A 38 -5.60 -6.93 -9.45
C PRO A 38 -6.19 -5.54 -9.81
N ASP A 39 -7.22 -5.13 -9.08
CA ASP A 39 -7.93 -3.87 -9.16
C ASP A 39 -7.20 -2.71 -8.47
N LEU A 40 -6.31 -2.98 -7.50
CA LEU A 40 -5.48 -1.97 -6.89
C LEU A 40 -4.52 -1.46 -7.95
N VAL A 41 -4.04 -0.22 -7.79
CA VAL A 41 -3.07 0.40 -8.67
C VAL A 41 -2.25 1.40 -7.85
N GLN A 42 -1.00 1.61 -8.27
CA GLN A 42 -0.20 2.73 -7.80
C GLN A 42 -0.75 4.01 -8.44
N VAL A 43 -1.78 4.61 -7.82
CA VAL A 43 -2.22 5.95 -8.14
C VAL A 43 -1.06 6.94 -8.01
N HIS A 44 -0.39 6.93 -6.84
CA HIS A 44 0.74 7.78 -6.49
C HIS A 44 1.38 7.29 -5.18
N GLU A 45 2.49 7.92 -4.77
CA GLU A 45 3.10 7.87 -3.44
C GLU A 45 2.46 8.98 -2.56
N GLY A 46 2.75 9.00 -1.26
CA GLY A 46 2.16 9.85 -0.23
C GLY A 46 0.77 9.35 0.19
N PRO A 47 0.45 9.37 1.50
CA PRO A 47 -0.81 8.83 2.02
C PRO A 47 -1.97 9.80 1.76
N CYS A 48 -3.15 9.26 1.43
CA CYS A 48 -4.37 10.05 1.30
C CYS A 48 -4.97 10.23 2.69
N ASP A 49 -5.62 9.18 3.17
CA ASP A 49 -6.47 9.11 4.33
C ASP A 49 -6.85 7.64 4.55
N GLU A 50 -7.39 7.28 5.72
CA GLU A 50 -8.22 6.11 6.02
C GLU A 50 -8.25 5.88 7.53
N HIS A 51 -7.10 5.41 8.05
CA HIS A 51 -6.88 5.07 9.43
C HIS A 51 -5.43 5.45 9.79
N ASP A 52 -5.21 6.71 10.12
CA ASP A 52 -3.93 7.20 10.61
C ASP A 52 -3.45 6.43 11.85
N HIS A 53 -2.13 6.27 11.95
CA HIS A 53 -1.45 5.50 12.99
C HIS A 53 0.02 5.92 13.06
N ASP A 54 0.29 7.21 13.20
CA ASP A 54 1.61 7.76 13.50
C ASP A 54 1.93 7.67 15.00
N PHE A 55 3.18 7.98 15.38
CA PHE A 55 3.61 8.19 16.76
C PHE A 55 3.60 9.68 17.05
N PHE A 1 0.76 -16.64 -4.13
CA PHE A 1 0.49 -15.36 -3.48
C PHE A 1 0.73 -15.53 -1.98
N GLN A 2 1.72 -14.80 -1.43
CA GLN A 2 1.70 -14.15 -0.12
C GLN A 2 3.02 -13.37 0.04
N GLY A 3 4.07 -14.05 0.50
CA GLY A 3 5.38 -13.46 0.76
C GLY A 3 6.22 -13.25 -0.50
N ASN A 4 5.87 -13.89 -1.64
CA ASN A 4 6.51 -13.59 -2.91
C ASN A 4 6.23 -12.16 -3.38
N PRO A 5 4.97 -11.68 -3.41
CA PRO A 5 4.70 -10.25 -3.43
C PRO A 5 5.26 -9.52 -2.20
N CYS A 6 4.96 -9.98 -0.97
CA CYS A 6 5.39 -9.28 0.25
C CYS A 6 6.77 -9.76 0.73
N GLU A 7 7.83 -9.38 0.00
CA GLU A 7 9.22 -9.49 0.46
C GLU A 7 9.76 -8.06 0.52
N CYS A 8 9.50 -7.37 1.63
CA CYS A 8 9.80 -5.94 1.79
C CYS A 8 9.94 -5.57 3.27
N PRO A 9 10.51 -4.38 3.58
CA PRO A 9 10.74 -3.92 4.93
C PRO A 9 9.48 -3.35 5.56
N ARG A 10 9.47 -3.19 6.88
CA ARG A 10 8.41 -2.49 7.62
C ARG A 10 8.56 -0.97 7.51
N ALA A 11 8.86 -0.47 6.32
CA ALA A 11 9.00 0.95 6.03
C ALA A 11 7.66 1.67 6.19
N LEU A 12 7.66 2.76 6.96
CA LEU A 12 6.52 3.65 7.18
C LEU A 12 6.46 4.73 6.07
N HIS A 13 6.68 4.35 4.81
CA HIS A 13 6.56 5.26 3.67
C HIS A 13 5.09 5.35 3.27
N ARG A 14 4.20 5.87 4.12
CA ARG A 14 2.77 5.72 3.90
C ARG A 14 2.34 6.24 2.51
N VAL A 15 1.51 5.47 1.81
CA VAL A 15 1.01 5.78 0.46
C VAL A 15 -0.47 5.50 0.36
N CYS A 16 -1.15 5.91 -0.71
CA CYS A 16 -2.55 5.59 -0.90
C CYS A 16 -2.77 4.89 -2.23
N GLY A 17 -3.70 3.92 -2.24
CA GLY A 17 -4.21 3.27 -3.44
C GLY A 17 -5.47 3.98 -3.92
N SER A 18 -5.87 3.67 -5.15
CA SER A 18 -7.02 4.22 -5.91
C SER A 18 -8.24 4.58 -5.07
N ASP A 19 -8.50 3.68 -4.14
CA ASP A 19 -9.59 3.52 -3.23
C ASP A 19 -9.60 4.59 -2.12
N GLY A 20 -8.63 5.53 -2.13
CA GLY A 20 -8.36 6.41 -0.99
C GLY A 20 -7.64 5.67 0.15
N ASN A 21 -7.47 4.35 0.01
CA ASN A 21 -7.02 3.40 0.99
C ASN A 21 -5.51 3.56 1.23
N THR A 22 -5.11 4.19 2.33
CA THR A 22 -3.70 4.28 2.68
C THR A 22 -3.09 2.90 3.02
N TYR A 23 -1.83 2.68 2.64
CA TYR A 23 -0.97 1.54 2.94
C TYR A 23 0.31 2.05 3.59
N SER A 24 0.99 1.21 4.36
CA SER A 24 2.24 1.56 5.06
C SER A 24 3.39 1.90 4.11
N ASN A 25 3.42 1.33 2.90
CA ASN A 25 4.40 1.60 1.86
C ASN A 25 3.85 1.06 0.55
N PRO A 26 4.35 1.51 -0.62
CA PRO A 26 3.79 1.06 -1.90
C PRO A 26 4.18 -0.39 -2.19
N CYS A 27 5.17 -0.93 -1.47
CA CYS A 27 5.51 -2.34 -1.56
C CYS A 27 4.37 -3.21 -1.05
N MET A 28 3.76 -2.85 0.09
CA MET A 28 2.60 -3.55 0.64
C MET A 28 1.43 -3.53 -0.35
N LEU A 29 1.14 -2.37 -0.94
CA LEU A 29 0.17 -2.19 -2.02
C LEU A 29 0.49 -3.09 -3.19
N THR A 30 1.64 -2.91 -3.80
CA THR A 30 1.96 -3.68 -5.00
C THR A 30 1.99 -5.19 -4.69
N CYS A 31 2.44 -5.56 -3.49
CA CYS A 31 2.38 -6.90 -2.97
C CYS A 31 0.94 -7.37 -3.08
N ALA A 32 0.04 -6.77 -2.30
CA ALA A 32 -1.41 -6.96 -2.32
C ALA A 32 -1.94 -7.12 -3.73
N LYS A 33 -1.60 -6.16 -4.59
CA LYS A 33 -2.01 -6.09 -5.98
C LYS A 33 -1.77 -7.43 -6.66
N HIS A 34 -0.51 -7.87 -6.67
CA HIS A 34 -0.11 -9.16 -7.20
C HIS A 34 -0.58 -10.33 -6.35
N GLU A 35 -0.84 -10.11 -5.06
CA GLU A 35 -1.25 -11.15 -4.11
C GLU A 35 -2.72 -11.53 -4.33
N GLY A 36 -3.59 -10.55 -4.61
CA GLY A 36 -5.02 -10.77 -4.83
C GLY A 36 -5.83 -9.51 -5.17
N ASN A 37 -5.22 -8.40 -5.61
CA ASN A 37 -5.92 -7.14 -5.88
C ASN A 37 -5.57 -6.63 -7.28
N PRO A 38 -5.88 -7.34 -8.38
CA PRO A 38 -5.44 -6.92 -9.72
C PRO A 38 -5.93 -5.52 -10.10
N ASP A 39 -7.04 -5.11 -9.48
CA ASP A 39 -7.74 -3.84 -9.51
C ASP A 39 -6.96 -2.66 -8.91
N LEU A 40 -6.14 -2.92 -7.88
CA LEU A 40 -5.36 -1.91 -7.18
C LEU A 40 -4.33 -1.32 -8.12
N VAL A 41 -3.86 -0.11 -7.83
CA VAL A 41 -2.82 0.61 -8.53
C VAL A 41 -2.11 1.57 -7.57
N GLN A 42 -0.82 1.83 -7.82
CA GLN A 42 -0.13 2.95 -7.21
C GLN A 42 -0.61 4.22 -7.91
N VAL A 43 -1.75 4.77 -7.46
CA VAL A 43 -2.28 6.04 -7.94
C VAL A 43 -1.20 7.11 -7.80
N HIS A 44 -0.54 7.15 -6.63
CA HIS A 44 0.74 7.80 -6.41
C HIS A 44 1.32 7.20 -5.12
N GLU A 45 2.51 7.64 -4.74
CA GLU A 45 2.99 7.52 -3.38
C GLU A 45 2.42 8.68 -2.55
N GLY A 46 2.74 8.72 -1.26
CA GLY A 46 2.14 9.67 -0.31
C GLY A 46 0.72 9.24 0.05
N PRO A 47 0.30 9.45 1.30
CA PRO A 47 -0.97 8.93 1.78
C PRO A 47 -2.13 9.81 1.31
N CYS A 48 -3.33 9.22 1.30
CA CYS A 48 -4.59 9.94 1.26
C CYS A 48 -4.89 10.24 2.71
N ASP A 49 -5.62 9.33 3.36
CA ASP A 49 -5.93 9.37 4.78
C ASP A 49 -6.66 8.06 5.17
N GLU A 50 -7.43 8.05 6.26
CA GLU A 50 -8.41 7.02 6.59
C GLU A 50 -9.74 7.39 5.90
N HIS A 51 -10.61 8.16 6.57
CA HIS A 51 -11.82 8.81 6.06
C HIS A 51 -12.06 10.10 6.87
N ASP A 52 -12.11 9.99 8.20
CA ASP A 52 -12.17 11.06 9.19
C ASP A 52 -12.05 10.45 10.58
N HIS A 53 -11.62 11.25 11.56
CA HIS A 53 -11.59 10.92 12.98
C HIS A 53 -12.68 11.68 13.74
N ASP A 54 -13.93 11.19 13.75
CA ASP A 54 -14.96 11.68 14.65
C ASP A 54 -14.68 11.28 16.12
N PHE A 55 -15.45 11.84 17.06
CA PHE A 55 -15.28 11.63 18.50
C PHE A 55 -16.20 10.53 19.05
N PHE A 1 1.18 -16.39 -4.73
CA PHE A 1 0.81 -15.21 -3.92
C PHE A 1 0.84 -15.61 -2.44
N GLN A 2 1.67 -14.92 -1.65
CA GLN A 2 1.39 -14.49 -0.28
C GLN A 2 2.59 -13.68 0.20
N GLY A 3 3.64 -14.38 0.64
CA GLY A 3 4.81 -13.77 1.27
C GLY A 3 5.71 -13.06 0.26
N ASN A 4 5.90 -13.62 -0.94
CA ASN A 4 6.83 -13.05 -1.91
C ASN A 4 6.48 -11.64 -2.41
N PRO A 5 5.23 -11.30 -2.75
CA PRO A 5 4.89 -9.91 -3.04
C PRO A 5 5.24 -8.97 -1.86
N CYS A 6 5.23 -9.46 -0.62
CA CYS A 6 5.51 -8.69 0.61
C CYS A 6 6.90 -9.01 1.17
N GLU A 7 7.86 -9.37 0.32
CA GLU A 7 9.28 -9.56 0.69
C GLU A 7 9.86 -8.28 1.33
N CYS A 8 9.31 -7.12 0.95
CA CYS A 8 9.63 -5.78 1.41
C CYS A 8 9.50 -5.56 2.94
N PRO A 9 10.10 -4.47 3.47
CA PRO A 9 10.11 -4.21 4.90
C PRO A 9 8.77 -3.62 5.36
N ARG A 10 8.51 -3.68 6.67
CA ARG A 10 7.34 -3.04 7.27
C ARG A 10 7.63 -1.56 7.58
N ALA A 11 8.29 -0.87 6.64
CA ALA A 11 8.55 0.54 6.62
C ALA A 11 7.26 1.33 6.48
N LEU A 12 7.01 2.30 7.36
CA LEU A 12 5.84 3.16 7.37
C LEU A 12 5.95 4.31 6.35
N HIS A 13 6.41 4.03 5.14
CA HIS A 13 6.50 5.00 4.05
C HIS A 13 5.14 5.12 3.34
N ARG A 14 4.08 5.43 4.09
CA ARG A 14 2.68 5.22 3.73
C ARG A 14 2.26 5.84 2.40
N VAL A 15 1.36 5.14 1.67
CA VAL A 15 0.89 5.56 0.35
C VAL A 15 -0.56 5.17 0.12
N CYS A 16 -1.22 5.80 -0.85
CA CYS A 16 -2.58 5.47 -1.24
C CYS A 16 -2.62 4.61 -2.50
N GLY A 17 -3.38 3.51 -2.45
CA GLY A 17 -3.87 2.87 -3.65
C GLY A 17 -5.29 3.38 -3.90
N SER A 18 -5.77 3.17 -5.11
CA SER A 18 -6.90 3.86 -5.71
C SER A 18 -8.06 4.26 -4.80
N ASP A 19 -8.67 3.31 -4.12
CA ASP A 19 -9.97 3.43 -3.50
C ASP A 19 -9.84 4.10 -2.11
N GLY A 20 -9.00 5.13 -2.01
CA GLY A 20 -8.57 5.71 -0.72
C GLY A 20 -7.67 4.76 0.08
N ASN A 21 -7.33 3.62 -0.53
CA ASN A 21 -6.87 2.38 0.02
C ASN A 21 -5.41 2.55 0.46
N THR A 22 -5.17 3.22 1.58
CA THR A 22 -3.83 3.49 2.06
C THR A 22 -3.14 2.17 2.46
N TYR A 23 -1.83 2.05 2.22
CA TYR A 23 -0.94 0.96 2.59
C TYR A 23 0.29 1.55 3.27
N SER A 24 0.95 0.75 4.12
CA SER A 24 2.11 1.13 4.91
C SER A 24 3.31 1.59 4.09
N ASN A 25 3.44 1.16 2.83
CA ASN A 25 4.46 1.56 1.86
C ASN A 25 3.97 1.15 0.47
N PRO A 26 4.54 1.69 -0.64
CA PRO A 26 4.07 1.35 -1.98
C PRO A 26 4.36 -0.11 -2.31
N CYS A 27 5.35 -0.70 -1.62
CA CYS A 27 5.63 -2.12 -1.72
C CYS A 27 4.49 -2.96 -1.15
N MET A 28 3.83 -2.55 -0.05
CA MET A 28 2.69 -3.25 0.53
C MET A 28 1.45 -3.17 -0.38
N LEU A 29 1.25 -2.04 -1.06
CA LEU A 29 0.24 -1.91 -2.12
C LEU A 29 0.57 -2.87 -3.24
N THR A 30 1.71 -2.69 -3.89
CA THR A 30 2.01 -3.51 -5.05
C THR A 30 2.06 -5.00 -4.66
N CYS A 31 2.49 -5.30 -3.43
CA CYS A 31 2.43 -6.61 -2.84
C CYS A 31 1.01 -7.11 -2.98
N ALA A 32 0.09 -6.52 -2.22
CA ALA A 32 -1.33 -6.76 -2.23
C ALA A 32 -1.85 -6.96 -3.64
N LYS A 33 -1.55 -5.99 -4.49
CA LYS A 33 -1.96 -5.92 -5.88
C LYS A 33 -1.70 -7.23 -6.58
N HIS A 34 -0.42 -7.58 -6.66
CA HIS A 34 0.04 -8.78 -7.32
C HIS A 34 -0.26 -10.04 -6.50
N GLU A 35 -0.53 -9.88 -5.21
CA GLU A 35 -0.93 -10.97 -4.33
C GLU A 35 -2.39 -11.39 -4.64
N GLY A 36 -3.33 -10.44 -4.59
CA GLY A 36 -4.75 -10.71 -4.69
C GLY A 36 -5.62 -9.47 -4.94
N ASN A 37 -5.05 -8.33 -5.38
CA ASN A 37 -5.79 -7.10 -5.68
C ASN A 37 -5.42 -6.65 -7.11
N PRO A 38 -5.60 -7.44 -8.18
CA PRO A 38 -5.05 -7.07 -9.50
C PRO A 38 -5.59 -5.72 -10.01
N ASP A 39 -6.74 -5.33 -9.49
CA ASP A 39 -7.50 -4.09 -9.59
C ASP A 39 -6.80 -2.85 -9.02
N LEU A 40 -6.00 -3.03 -7.98
CA LEU A 40 -5.29 -1.97 -7.27
C LEU A 40 -4.28 -1.34 -8.21
N VAL A 41 -3.91 -0.10 -7.93
CA VAL A 41 -2.91 0.66 -8.65
C VAL A 41 -2.27 1.68 -7.70
N GLN A 42 -1.04 2.09 -8.03
CA GLN A 42 -0.44 3.28 -7.46
C GLN A 42 -1.12 4.49 -8.13
N VAL A 43 -2.25 4.94 -7.57
CA VAL A 43 -2.87 6.21 -7.92
C VAL A 43 -1.85 7.35 -7.78
N HIS A 44 -1.16 7.37 -6.63
CA HIS A 44 -0.11 8.31 -6.29
C HIS A 44 0.67 7.71 -5.11
N GLU A 45 1.87 8.22 -4.83
CA GLU A 45 2.59 7.94 -3.58
C GLU A 45 2.06 8.92 -2.51
N GLY A 46 2.35 8.69 -1.23
CA GLY A 46 1.76 9.43 -0.12
C GLY A 46 0.30 8.99 0.14
N PRO A 47 -0.19 9.06 1.39
CA PRO A 47 -1.43 8.41 1.79
C PRO A 47 -2.67 9.23 1.44
N CYS A 48 -3.83 8.56 1.33
CA CYS A 48 -5.13 9.24 1.31
C CYS A 48 -5.63 9.48 2.74
N ASP A 49 -5.42 8.51 3.65
CA ASP A 49 -5.63 8.73 5.06
C ASP A 49 -4.68 9.81 5.56
N GLU A 50 -5.23 10.80 6.25
CA GLU A 50 -4.54 11.76 7.09
C GLU A 50 -5.58 12.20 8.12
N HIS A 51 -5.12 12.52 9.33
CA HIS A 51 -5.94 12.85 10.48
C HIS A 51 -5.16 13.80 11.39
N ASP A 52 -3.89 13.49 11.68
CA ASP A 52 -2.87 14.38 12.22
C ASP A 52 -1.54 13.61 12.21
N HIS A 53 -0.44 14.35 12.38
CA HIS A 53 0.91 13.82 12.56
C HIS A 53 1.69 14.75 13.51
N ASP A 54 1.01 15.28 14.55
CA ASP A 54 1.56 16.30 15.43
C ASP A 54 2.75 15.77 16.25
N PHE A 55 2.57 14.59 16.85
CA PHE A 55 3.64 13.76 17.41
C PHE A 55 4.05 12.70 16.39
N PHE A 1 1.69 -16.63 -4.43
CA PHE A 1 1.10 -15.32 -4.08
C PHE A 1 0.93 -15.23 -2.57
N GLN A 2 1.96 -14.73 -1.88
CA GLN A 2 1.94 -14.30 -0.48
C GLN A 2 3.34 -13.71 -0.20
N GLY A 3 4.36 -14.57 -0.20
CA GLY A 3 5.75 -14.24 0.10
C GLY A 3 6.62 -13.88 -1.11
N ASN A 4 6.22 -14.24 -2.33
CA ASN A 4 6.78 -13.70 -3.57
C ASN A 4 6.50 -12.18 -3.71
N PRO A 5 5.24 -11.71 -3.60
CA PRO A 5 4.90 -10.28 -3.54
C PRO A 5 5.34 -9.64 -2.22
N CYS A 6 4.89 -10.09 -1.04
CA CYS A 6 5.10 -9.29 0.17
C CYS A 6 6.38 -9.71 0.88
N GLU A 7 7.44 -8.94 0.59
CA GLU A 7 8.79 -9.22 1.08
C GLU A 7 9.55 -7.98 1.55
N CYS A 8 8.93 -6.80 1.48
CA CYS A 8 9.53 -5.50 1.80
C CYS A 8 9.65 -5.23 3.32
N PRO A 9 10.47 -4.24 3.75
CA PRO A 9 10.67 -3.95 5.16
C PRO A 9 9.47 -3.21 5.74
N ARG A 10 9.37 -3.13 7.09
CA ARG A 10 8.44 -2.26 7.82
C ARG A 10 8.84 -0.77 7.71
N ALA A 11 9.14 -0.30 6.48
CA ALA A 11 9.23 1.08 6.14
C ALA A 11 7.86 1.73 6.28
N LEU A 12 7.72 2.71 7.16
CA LEU A 12 6.51 3.50 7.40
C LEU A 12 6.32 4.57 6.30
N HIS A 13 6.55 4.21 5.04
CA HIS A 13 6.36 5.08 3.88
C HIS A 13 4.86 5.12 3.55
N ARG A 14 3.96 5.64 4.41
CA ARG A 14 2.51 5.47 4.24
C ARG A 14 2.03 6.06 2.89
N VAL A 15 1.15 5.35 2.16
CA VAL A 15 0.71 5.73 0.80
C VAL A 15 -0.75 5.47 0.57
N CYS A 16 -1.32 6.01 -0.52
CA CYS A 16 -2.70 5.77 -0.91
C CYS A 16 -2.76 4.81 -2.11
N GLY A 17 -3.76 3.91 -2.13
CA GLY A 17 -4.25 3.22 -3.32
C GLY A 17 -5.48 3.92 -3.89
N SER A 18 -5.84 3.56 -5.14
CA SER A 18 -6.94 4.13 -5.95
C SER A 18 -8.20 4.50 -5.19
N ASP A 19 -8.56 3.65 -4.25
CA ASP A 19 -9.84 3.69 -3.57
C ASP A 19 -9.75 4.57 -2.33
N GLY A 20 -8.69 5.42 -2.23
CA GLY A 20 -8.36 6.07 -0.96
C GLY A 20 -7.60 5.13 -0.01
N ASN A 21 -7.42 3.86 -0.41
CA ASN A 21 -7.05 2.75 0.43
C ASN A 21 -5.63 2.94 0.94
N THR A 22 -5.45 3.56 2.11
CA THR A 22 -4.09 3.84 2.58
C THR A 22 -3.39 2.50 2.85
N TYR A 23 -2.10 2.43 2.55
CA TYR A 23 -1.21 1.31 2.83
C TYR A 23 0.01 1.83 3.60
N SER A 24 0.64 0.95 4.36
CA SER A 24 1.80 1.24 5.20
C SER A 24 3.04 1.63 4.38
N ASN A 25 3.15 1.12 3.14
CA ASN A 25 4.22 1.36 2.18
C ASN A 25 3.73 0.95 0.79
N PRO A 26 4.27 1.55 -0.29
CA PRO A 26 3.78 1.27 -1.63
C PRO A 26 4.19 -0.13 -2.09
N CYS A 27 5.27 -0.64 -1.49
CA CYS A 27 5.76 -2.00 -1.67
C CYS A 27 4.67 -3.02 -1.31
N MET A 28 3.95 -2.82 -0.19
CA MET A 28 2.83 -3.72 0.14
C MET A 28 1.66 -3.61 -0.83
N LEU A 29 1.41 -2.45 -1.44
CA LEU A 29 0.33 -2.25 -2.41
C LEU A 29 0.63 -3.12 -3.61
N THR A 30 1.69 -2.83 -4.34
CA THR A 30 2.05 -3.69 -5.48
C THR A 30 2.13 -5.17 -5.08
N CYS A 31 2.50 -5.51 -3.82
CA CYS A 31 2.58 -6.88 -3.40
C CYS A 31 1.17 -7.46 -3.52
N ALA A 32 0.23 -6.84 -2.77
CA ALA A 32 -1.20 -7.12 -2.76
C ALA A 32 -1.69 -7.31 -4.18
N LYS A 33 -1.37 -6.34 -5.02
CA LYS A 33 -1.81 -6.28 -6.40
C LYS A 33 -1.50 -7.61 -7.10
N HIS A 34 -0.20 -7.94 -7.20
CA HIS A 34 0.29 -9.22 -7.73
C HIS A 34 -0.06 -10.43 -6.86
N GLU A 35 -0.50 -10.23 -5.62
CA GLU A 35 -0.88 -11.33 -4.72
C GLU A 35 -2.29 -11.79 -5.10
N GLY A 36 -3.24 -10.85 -5.04
CA GLY A 36 -4.65 -11.12 -5.23
C GLY A 36 -5.49 -9.86 -5.30
N ASN A 37 -4.97 -8.75 -5.87
CA ASN A 37 -5.73 -7.50 -5.97
C ASN A 37 -5.57 -6.92 -7.38
N PRO A 38 -6.01 -7.59 -8.46
CA PRO A 38 -5.70 -7.11 -9.81
C PRO A 38 -6.35 -5.76 -10.15
N ASP A 39 -7.33 -5.32 -9.35
CA ASP A 39 -8.06 -4.06 -9.39
C ASP A 39 -7.27 -2.90 -8.76
N LEU A 40 -6.38 -3.20 -7.80
CA LEU A 40 -5.58 -2.20 -7.13
C LEU A 40 -4.66 -1.62 -8.18
N VAL A 41 -4.22 -0.37 -8.00
CA VAL A 41 -3.29 0.28 -8.89
C VAL A 41 -2.44 1.24 -8.05
N GLN A 42 -1.15 1.38 -8.40
CA GLN A 42 -0.28 2.41 -7.85
C GLN A 42 -0.66 3.74 -8.49
N VAL A 43 -1.64 4.42 -7.88
CA VAL A 43 -2.07 5.76 -8.19
C VAL A 43 -0.86 6.71 -8.02
N HIS A 44 -0.16 6.64 -6.88
CA HIS A 44 1.00 7.43 -6.44
C HIS A 44 1.41 6.92 -5.03
N GLU A 45 2.35 7.61 -4.37
CA GLU A 45 2.70 7.53 -2.96
C GLU A 45 1.75 8.44 -2.14
N GLY A 46 2.08 8.75 -0.87
CA GLY A 46 1.39 9.77 -0.06
C GLY A 46 0.02 9.33 0.49
N PRO A 47 -0.23 9.35 1.82
CA PRO A 47 -1.44 8.78 2.38
C PRO A 47 -2.65 9.69 2.19
N CYS A 48 -3.76 9.07 1.78
CA CYS A 48 -5.02 9.78 1.58
C CYS A 48 -5.69 10.09 2.92
N ASP A 49 -5.73 9.14 3.86
CA ASP A 49 -6.28 9.31 5.18
C ASP A 49 -5.31 10.15 6.03
N GLU A 50 -5.80 11.24 6.61
CA GLU A 50 -5.00 12.16 7.43
C GLU A 50 -5.92 12.88 8.42
N HIS A 51 -6.12 12.25 9.59
CA HIS A 51 -6.79 12.79 10.79
C HIS A 51 -6.38 11.96 12.02
N ASP A 52 -5.22 12.28 12.60
CA ASP A 52 -4.75 11.83 13.88
C ASP A 52 -5.75 12.20 14.98
N HIS A 53 -6.38 11.19 15.56
CA HIS A 53 -7.37 11.29 16.63
C HIS A 53 -6.71 10.85 17.96
N ASP A 54 -5.50 11.33 18.26
CA ASP A 54 -4.89 11.22 19.58
C ASP A 54 -3.96 12.42 19.82
N PHE A 55 -3.39 12.53 21.03
CA PHE A 55 -2.31 13.47 21.37
C PHE A 55 -0.93 12.80 21.31
N PHE A 1 -0.57 -16.84 -3.02
CA PHE A 1 -0.36 -15.39 -3.08
C PHE A 1 0.07 -14.99 -1.69
N GLN A 2 1.38 -14.82 -1.43
CA GLN A 2 1.91 -14.26 -0.18
C GLN A 2 3.44 -14.11 -0.24
N GLY A 3 4.11 -15.22 -0.53
CA GLY A 3 5.56 -15.38 -0.59
C GLY A 3 6.05 -15.21 -2.02
N ASN A 4 5.92 -13.99 -2.54
CA ASN A 4 6.34 -13.57 -3.89
C ASN A 4 6.09 -12.08 -4.07
N PRO A 5 4.85 -11.59 -3.87
CA PRO A 5 4.57 -10.18 -4.00
C PRO A 5 5.16 -9.40 -2.81
N CYS A 6 4.76 -9.75 -1.58
CA CYS A 6 5.22 -9.07 -0.36
C CYS A 6 6.57 -9.63 -0.01
N GLU A 7 7.48 -8.70 0.31
CA GLU A 7 8.89 -8.94 0.59
C GLU A 7 9.65 -7.64 0.83
N CYS A 8 9.01 -6.65 1.46
CA CYS A 8 9.65 -5.38 1.76
C CYS A 8 9.80 -5.15 3.26
N PRO A 9 10.63 -4.17 3.65
CA PRO A 9 10.85 -3.86 5.04
C PRO A 9 9.60 -3.20 5.63
N ARG A 10 9.60 -2.99 6.96
CA ARG A 10 8.59 -2.23 7.69
C ARG A 10 8.82 -0.73 7.52
N ALA A 11 9.08 -0.29 6.29
CA ALA A 11 9.12 1.09 5.92
C ALA A 11 7.75 1.72 6.10
N LEU A 12 7.65 2.76 6.94
CA LEU A 12 6.43 3.52 7.21
C LEU A 12 6.18 4.56 6.12
N HIS A 13 6.16 4.08 4.89
CA HIS A 13 5.91 4.89 3.72
C HIS A 13 4.42 4.84 3.52
N ARG A 14 3.64 5.33 4.49
CA ARG A 14 2.20 5.46 4.38
C ARG A 14 1.90 6.11 3.01
N VAL A 15 1.51 5.30 2.01
CA VAL A 15 1.09 5.75 0.69
C VAL A 15 -0.42 5.78 0.55
N CYS A 16 -0.96 6.21 -0.61
CA CYS A 16 -2.36 6.21 -0.93
C CYS A 16 -2.60 5.26 -2.09
N GLY A 17 -3.65 4.45 -1.97
CA GLY A 17 -4.12 3.62 -3.06
C GLY A 17 -5.13 4.37 -3.92
N SER A 18 -5.52 3.75 -5.03
CA SER A 18 -6.55 4.27 -5.94
C SER A 18 -7.89 4.55 -5.26
N ASP A 19 -8.19 3.75 -4.26
CA ASP A 19 -9.39 3.85 -3.43
C ASP A 19 -9.22 4.96 -2.37
N GLY A 20 -8.07 5.66 -2.33
CA GLY A 20 -7.69 6.57 -1.26
C GLY A 20 -7.24 5.83 -0.01
N ASN A 21 -7.25 4.50 -0.04
CA ASN A 21 -6.93 3.67 1.09
C ASN A 21 -5.43 3.75 1.30
N THR A 22 -5.04 4.31 2.44
CA THR A 22 -3.62 4.41 2.74
C THR A 22 -3.06 3.00 2.91
N TYR A 23 -1.79 2.82 2.59
CA TYR A 23 -1.06 1.57 2.72
C TYR A 23 0.16 1.86 3.57
N SER A 24 0.52 1.01 4.55
CA SER A 24 1.76 1.04 5.34
C SER A 24 2.99 1.44 4.52
N ASN A 25 3.05 1.01 3.25
CA ASN A 25 4.12 1.20 2.29
C ASN A 25 3.66 0.90 0.86
N PRO A 26 4.33 1.48 -0.14
CA PRO A 26 4.01 1.26 -1.55
C PRO A 26 4.48 -0.13 -1.98
N CYS A 27 5.48 -0.67 -1.27
CA CYS A 27 5.95 -2.01 -1.52
C CYS A 27 4.90 -3.06 -1.14
N MET A 28 4.04 -2.78 -0.14
CA MET A 28 2.92 -3.63 0.22
C MET A 28 1.77 -3.55 -0.76
N LEU A 29 1.43 -2.34 -1.25
CA LEU A 29 0.36 -2.13 -2.23
C LEU A 29 0.59 -3.08 -3.40
N THR A 30 1.63 -2.84 -4.20
CA THR A 30 1.94 -3.65 -5.40
C THR A 30 1.95 -5.13 -5.08
N CYS A 31 2.48 -5.51 -3.89
CA CYS A 31 2.50 -6.85 -3.38
C CYS A 31 1.07 -7.36 -3.47
N ALA A 32 0.23 -6.82 -2.58
CA ALA A 32 -1.18 -7.08 -2.45
C ALA A 32 -1.80 -7.28 -3.81
N LYS A 33 -1.59 -6.28 -4.64
CA LYS A 33 -2.00 -6.29 -6.04
C LYS A 33 -1.72 -7.61 -6.76
N HIS A 34 -0.44 -7.93 -6.93
CA HIS A 34 0.02 -9.18 -7.53
C HIS A 34 -0.35 -10.38 -6.65
N GLU A 35 -0.70 -10.16 -5.38
CA GLU A 35 -1.14 -11.17 -4.44
C GLU A 35 -2.59 -11.56 -4.81
N GLY A 36 -3.55 -10.72 -4.43
CA GLY A 36 -4.97 -10.92 -4.57
C GLY A 36 -5.67 -9.58 -4.61
N ASN A 37 -5.17 -8.64 -5.46
CA ASN A 37 -5.85 -7.35 -5.62
C ASN A 37 -5.68 -6.80 -7.04
N PRO A 38 -6.15 -7.51 -8.09
CA PRO A 38 -5.99 -7.08 -9.47
C PRO A 38 -6.69 -5.74 -9.79
N ASP A 39 -7.53 -5.23 -8.88
CA ASP A 39 -8.20 -3.93 -8.92
C ASP A 39 -7.39 -2.79 -8.35
N LEU A 40 -6.52 -3.08 -7.39
CA LEU A 40 -5.65 -2.05 -6.81
C LEU A 40 -4.72 -1.62 -7.92
N VAL A 41 -4.22 -0.38 -7.85
CA VAL A 41 -3.26 0.18 -8.76
C VAL A 41 -2.38 1.13 -7.94
N GLN A 42 -1.08 1.23 -8.29
CA GLN A 42 -0.15 2.24 -7.76
C GLN A 42 -0.51 3.56 -8.41
N VAL A 43 -1.51 4.24 -7.85
CA VAL A 43 -1.87 5.59 -8.24
C VAL A 43 -0.65 6.50 -8.11
N HIS A 44 0.02 6.44 -6.95
CA HIS A 44 1.16 7.23 -6.54
C HIS A 44 1.51 6.91 -5.09
N GLU A 45 2.59 7.53 -4.61
CA GLU A 45 3.04 7.56 -3.23
C GLU A 45 2.28 8.62 -2.43
N GLY A 46 2.70 8.80 -1.17
CA GLY A 46 2.15 9.78 -0.23
C GLY A 46 0.79 9.34 0.36
N PRO A 47 0.57 9.45 1.67
CA PRO A 47 -0.64 8.92 2.27
C PRO A 47 -1.85 9.79 1.93
N CYS A 48 -3.01 9.15 1.78
CA CYS A 48 -4.24 9.87 1.49
C CYS A 48 -4.80 10.27 2.83
N ASP A 49 -5.78 9.52 3.32
CA ASP A 49 -6.50 9.80 4.52
C ASP A 49 -7.52 8.69 4.76
N GLU A 50 -7.62 8.21 6.00
CA GLU A 50 -8.62 7.23 6.44
C GLU A 50 -9.94 7.95 6.81
N HIS A 51 -10.92 7.18 7.30
CA HIS A 51 -12.23 7.65 7.73
C HIS A 51 -12.14 8.16 9.18
N ASP A 52 -11.20 9.08 9.46
CA ASP A 52 -11.04 9.67 10.78
C ASP A 52 -9.97 10.77 10.72
N HIS A 53 -10.07 11.77 11.61
CA HIS A 53 -9.13 12.89 11.68
C HIS A 53 -8.77 13.13 13.15
N ASP A 54 -7.93 12.27 13.71
CA ASP A 54 -7.44 12.40 15.08
C ASP A 54 -6.22 13.30 15.12
N PHE A 55 -5.94 13.89 16.30
CA PHE A 55 -4.82 14.78 16.52
C PHE A 55 -4.48 14.82 18.02
N PHE A 1 0.34 -17.13 -4.14
CA PHE A 1 0.34 -15.70 -3.76
C PHE A 1 0.16 -15.65 -2.26
N GLN A 2 1.31 -15.65 -1.59
CA GLN A 2 1.65 -14.87 -0.42
C GLN A 2 3.20 -14.86 -0.46
N GLY A 3 3.83 -14.14 0.44
CA GLY A 3 5.26 -14.22 0.73
C GLY A 3 6.09 -13.47 -0.30
N ASN A 4 6.17 -13.98 -1.52
CA ASN A 4 7.04 -13.44 -2.56
C ASN A 4 6.72 -12.02 -2.99
N PRO A 5 5.45 -11.61 -3.21
CA PRO A 5 5.12 -10.20 -3.39
C PRO A 5 5.54 -9.31 -2.20
N CYS A 6 5.74 -9.85 -0.99
CA CYS A 6 5.90 -9.10 0.26
C CYS A 6 7.27 -9.35 0.92
N GLU A 7 8.38 -9.31 0.15
CA GLU A 7 9.72 -9.29 0.76
C GLU A 7 9.94 -8.05 1.65
N CYS A 8 9.27 -6.95 1.31
CA CYS A 8 9.53 -5.60 1.76
C CYS A 8 9.41 -5.36 3.26
N PRO A 9 10.07 -4.31 3.79
CA PRO A 9 10.12 -4.05 5.22
C PRO A 9 8.81 -3.42 5.69
N ARG A 10 8.59 -3.41 7.01
CA ARG A 10 7.43 -2.78 7.63
C ARG A 10 7.69 -1.26 7.80
N ALA A 11 8.26 -0.62 6.76
CA ALA A 11 8.48 0.79 6.66
C ALA A 11 7.15 1.54 6.57
N LEU A 12 7.00 2.61 7.37
CA LEU A 12 5.82 3.47 7.43
C LEU A 12 5.89 4.57 6.35
N HIS A 13 6.28 4.23 5.12
CA HIS A 13 6.40 5.18 4.02
C HIS A 13 5.04 5.27 3.30
N ARG A 14 4.02 5.74 4.03
CA ARG A 14 2.60 5.54 3.72
C ARG A 14 2.19 6.11 2.35
N VAL A 15 1.23 5.46 1.67
CA VAL A 15 0.76 5.83 0.32
C VAL A 15 -0.71 5.52 0.13
N CYS A 16 -1.37 6.19 -0.82
CA CYS A 16 -2.77 5.96 -1.15
C CYS A 16 -2.90 4.91 -2.27
N GLY A 17 -3.85 3.96 -2.13
CA GLY A 17 -4.36 3.19 -3.26
C GLY A 17 -5.65 3.80 -3.79
N SER A 18 -6.04 3.39 -5.00
CA SER A 18 -7.17 3.89 -5.78
C SER A 18 -8.51 4.02 -5.04
N ASP A 19 -8.74 3.14 -4.06
CA ASP A 19 -9.90 3.16 -3.17
C ASP A 19 -9.90 4.36 -2.20
N GLY A 20 -8.82 5.15 -2.16
CA GLY A 20 -8.48 6.02 -1.03
C GLY A 20 -7.78 5.23 0.09
N ASN A 21 -7.78 3.90 -0.04
CA ASN A 21 -7.29 2.92 0.90
C ASN A 21 -5.78 3.07 1.04
N THR A 22 -5.35 3.80 2.05
CA THR A 22 -3.95 4.01 2.34
C THR A 22 -3.29 2.69 2.75
N TYR A 23 -2.02 2.50 2.35
CA TYR A 23 -1.18 1.39 2.72
C TYR A 23 0.09 1.97 3.35
N SER A 24 0.65 1.28 4.35
CA SER A 24 1.80 1.74 5.11
C SER A 24 3.07 1.91 4.26
N ASN A 25 3.13 1.34 3.07
CA ASN A 25 4.17 1.56 2.07
C ASN A 25 3.65 1.06 0.71
N PRO A 26 4.23 1.54 -0.42
CA PRO A 26 3.76 1.16 -1.74
C PRO A 26 4.13 -0.29 -2.08
N CYS A 27 5.06 -0.89 -1.32
CA CYS A 27 5.47 -2.25 -1.53
C CYS A 27 4.38 -3.22 -1.07
N MET A 28 3.72 -2.94 0.06
CA MET A 28 2.61 -3.72 0.58
C MET A 28 1.47 -3.69 -0.43
N LEU A 29 1.19 -2.50 -0.92
CA LEU A 29 0.20 -2.28 -1.98
C LEU A 29 0.55 -3.16 -3.16
N THR A 30 1.69 -2.92 -3.78
CA THR A 30 2.04 -3.65 -4.99
C THR A 30 2.13 -5.17 -4.73
N CYS A 31 2.59 -5.57 -3.54
CA CYS A 31 2.54 -6.92 -3.05
C CYS A 31 1.12 -7.45 -3.22
N ALA A 32 0.18 -6.90 -2.43
CA ALA A 32 -1.25 -7.14 -2.47
C ALA A 32 -1.77 -7.24 -3.90
N LYS A 33 -1.45 -6.22 -4.69
CA LYS A 33 -1.82 -6.08 -6.08
C LYS A 33 -1.52 -7.36 -6.85
N HIS A 34 -0.24 -7.72 -6.89
CA HIS A 34 0.22 -8.93 -7.52
C HIS A 34 -0.25 -10.19 -6.78
N GLU A 35 -0.56 -10.08 -5.48
CA GLU A 35 -0.93 -11.23 -4.68
C GLU A 35 -2.40 -11.63 -4.96
N GLY A 36 -3.32 -10.66 -4.99
CA GLY A 36 -4.74 -10.93 -5.22
C GLY A 36 -5.59 -9.70 -5.54
N ASN A 37 -5.00 -8.57 -5.97
CA ASN A 37 -5.74 -7.32 -6.21
C ASN A 37 -5.34 -6.72 -7.56
N PRO A 38 -5.61 -7.35 -8.72
CA PRO A 38 -5.17 -6.80 -10.00
C PRO A 38 -5.75 -5.41 -10.30
N ASP A 39 -6.86 -5.08 -9.62
CA ASP A 39 -7.59 -3.82 -9.64
C ASP A 39 -6.94 -2.71 -8.78
N LEU A 40 -6.10 -3.06 -7.80
CA LEU A 40 -5.30 -2.09 -7.08
C LEU A 40 -4.31 -1.52 -8.05
N VAL A 41 -3.88 -0.29 -7.82
CA VAL A 41 -2.86 0.41 -8.57
C VAL A 41 -2.17 1.41 -7.65
N GLN A 42 -0.93 1.76 -7.99
CA GLN A 42 -0.28 2.94 -7.46
C GLN A 42 -0.93 4.16 -8.14
N VAL A 43 -2.07 4.63 -7.60
CA VAL A 43 -2.69 5.88 -8.05
C VAL A 43 -1.69 7.02 -7.98
N HIS A 44 -1.04 7.13 -6.82
CA HIS A 44 0.15 7.92 -6.59
C HIS A 44 0.80 7.33 -5.32
N GLU A 45 1.86 7.96 -4.80
CA GLU A 45 2.45 7.69 -3.49
C GLU A 45 1.45 8.24 -2.42
N GLY A 46 1.94 8.91 -1.37
CA GLY A 46 1.25 9.86 -0.50
C GLY A 46 -0.09 9.43 0.13
N PRO A 47 -0.20 9.32 1.45
CA PRO A 47 -1.35 8.70 2.08
C PRO A 47 -2.62 9.56 1.96
N CYS A 48 -3.70 8.97 1.45
CA CYS A 48 -5.01 9.63 1.40
C CYS A 48 -5.67 9.72 2.78
N ASP A 49 -5.36 8.78 3.69
CA ASP A 49 -5.80 8.73 5.07
C ASP A 49 -5.20 9.89 5.87
N GLU A 50 -3.94 9.78 6.30
CA GLU A 50 -3.19 10.86 6.92
C GLU A 50 -1.69 10.53 6.89
N HIS A 51 -0.87 11.51 7.24
CA HIS A 51 0.59 11.46 7.30
C HIS A 51 1.07 11.77 8.72
N ASP A 52 0.97 10.76 9.60
CA ASP A 52 1.54 10.74 10.92
C ASP A 52 3.07 10.86 10.90
N HIS A 53 3.67 11.16 12.06
CA HIS A 53 5.08 11.54 12.19
C HIS A 53 5.65 11.01 13.51
N ASP A 54 5.29 9.78 13.87
CA ASP A 54 5.60 9.17 15.16
C ASP A 54 7.11 9.01 15.39
N PHE A 55 7.81 8.52 14.37
CA PHE A 55 9.27 8.57 14.25
C PHE A 55 9.65 9.76 13.38
N PHE A 1 0.07 -17.02 -3.65
CA PHE A 1 0.18 -15.56 -3.47
C PHE A 1 0.41 -15.31 -1.99
N GLN A 2 1.63 -14.89 -1.62
CA GLN A 2 2.00 -14.19 -0.38
C GLN A 2 3.50 -13.89 -0.52
N GLY A 3 4.32 -14.92 -0.27
CA GLY A 3 5.77 -14.89 -0.24
C GLY A 3 6.41 -14.92 -1.63
N ASN A 4 5.94 -14.01 -2.50
CA ASN A 4 6.58 -13.60 -3.75
C ASN A 4 6.31 -12.10 -3.97
N PRO A 5 5.05 -11.62 -3.95
CA PRO A 5 4.76 -10.19 -3.88
C PRO A 5 5.34 -9.49 -2.62
N CYS A 6 5.49 -10.17 -1.48
CA CYS A 6 5.89 -9.55 -0.22
C CYS A 6 7.23 -10.07 0.31
N GLU A 7 8.30 -9.28 0.14
CA GLU A 7 9.59 -9.41 0.84
C GLU A 7 10.03 -8.11 1.53
N CYS A 8 9.24 -7.03 1.43
CA CYS A 8 9.65 -5.66 1.77
C CYS A 8 9.72 -5.36 3.28
N PRO A 9 10.37 -4.23 3.67
CA PRO A 9 10.52 -3.88 5.07
C PRO A 9 9.23 -3.25 5.61
N ARG A 10 9.15 -3.12 6.94
CA ARG A 10 8.05 -2.44 7.62
C ARG A 10 8.30 -0.94 7.69
N ALA A 11 8.77 -0.34 6.60
CA ALA A 11 8.91 1.08 6.41
C ALA A 11 7.55 1.75 6.37
N LEU A 12 7.32 2.76 7.23
CA LEU A 12 6.06 3.50 7.35
C LEU A 12 5.99 4.66 6.33
N HIS A 13 6.39 4.42 5.09
CA HIS A 13 6.17 5.39 4.01
C HIS A 13 4.72 5.29 3.57
N ARG A 14 3.78 5.74 4.41
CA ARG A 14 2.33 5.58 4.19
C ARG A 14 1.91 6.08 2.80
N VAL A 15 1.15 5.29 2.05
CA VAL A 15 0.73 5.63 0.68
C VAL A 15 -0.73 5.30 0.44
N CYS A 16 -1.32 5.87 -0.60
CA CYS A 16 -2.67 5.60 -1.02
C CYS A 16 -2.71 4.69 -2.24
N GLY A 17 -3.59 3.68 -2.24
CA GLY A 17 -4.06 3.04 -3.45
C GLY A 17 -5.40 3.67 -3.86
N SER A 18 -5.79 3.42 -5.11
CA SER A 18 -6.83 4.12 -5.86
C SER A 18 -8.12 4.47 -5.15
N ASP A 19 -8.58 3.59 -4.25
CA ASP A 19 -9.82 3.72 -3.50
C ASP A 19 -9.75 4.80 -2.41
N GLY A 20 -8.59 5.48 -2.24
CA GLY A 20 -8.29 6.19 -0.98
C GLY A 20 -7.62 5.27 0.05
N ASN A 21 -7.54 3.98 -0.26
CA ASN A 21 -7.13 2.88 0.59
C ASN A 21 -5.64 3.01 0.90
N THR A 22 -5.32 3.69 1.99
CA THR A 22 -3.96 3.86 2.45
C THR A 22 -3.33 2.52 2.90
N TYR A 23 -2.03 2.34 2.65
CA TYR A 23 -1.19 1.23 3.01
C TYR A 23 0.08 1.79 3.70
N SER A 24 0.76 0.96 4.50
CA SER A 24 1.99 1.32 5.21
C SER A 24 3.15 1.71 4.29
N ASN A 25 3.21 1.19 3.06
CA ASN A 25 4.21 1.49 2.04
C ASN A 25 3.68 1.01 0.69
N PRO A 26 4.24 1.50 -0.44
CA PRO A 26 3.74 1.11 -1.75
C PRO A 26 4.15 -0.32 -2.11
N CYS A 27 5.13 -0.88 -1.40
CA CYS A 27 5.46 -2.27 -1.55
C CYS A 27 4.31 -3.15 -1.07
N MET A 28 3.71 -2.85 0.09
CA MET A 28 2.52 -3.57 0.55
C MET A 28 1.35 -3.48 -0.44
N LEU A 29 1.11 -2.31 -1.05
CA LEU A 29 0.15 -2.13 -2.15
C LEU A 29 0.51 -3.09 -3.28
N THR A 30 1.65 -2.87 -3.91
CA THR A 30 1.98 -3.64 -5.11
C THR A 30 2.05 -5.14 -4.81
N CYS A 31 2.50 -5.51 -3.59
CA CYS A 31 2.46 -6.86 -3.07
C CYS A 31 1.04 -7.36 -3.19
N ALA A 32 0.12 -6.83 -2.38
CA ALA A 32 -1.32 -7.07 -2.43
C ALA A 32 -1.83 -7.21 -3.84
N LYS A 33 -1.52 -6.23 -4.68
CA LYS A 33 -1.90 -6.17 -6.08
C LYS A 33 -1.57 -7.46 -6.79
N HIS A 34 -0.27 -7.78 -6.87
CA HIS A 34 0.21 -9.02 -7.47
C HIS A 34 -0.17 -10.26 -6.64
N GLU A 35 -0.60 -10.10 -5.38
CA GLU A 35 -1.00 -11.21 -4.54
C GLU A 35 -2.44 -11.60 -4.92
N GLY A 36 -3.39 -10.69 -4.79
CA GLY A 36 -4.80 -10.96 -5.06
C GLY A 36 -5.65 -9.69 -5.27
N ASN A 37 -5.07 -8.58 -5.75
CA ASN A 37 -5.82 -7.36 -6.01
C ASN A 37 -5.48 -6.84 -7.42
N PRO A 38 -5.84 -7.53 -8.51
CA PRO A 38 -5.48 -7.08 -9.85
C PRO A 38 -6.08 -5.69 -10.19
N ASP A 39 -7.12 -5.31 -9.45
CA ASP A 39 -7.85 -4.06 -9.49
C ASP A 39 -7.13 -2.89 -8.80
N LEU A 40 -6.25 -3.17 -7.82
CA LEU A 40 -5.44 -2.14 -7.16
C LEU A 40 -4.48 -1.57 -8.17
N VAL A 41 -4.03 -0.33 -7.97
CA VAL A 41 -3.03 0.33 -8.79
C VAL A 41 -2.25 1.34 -7.95
N GLN A 42 -1.02 1.64 -8.38
CA GLN A 42 -0.25 2.77 -7.88
C GLN A 42 -0.83 4.06 -8.51
N VAL A 43 -1.85 4.62 -7.87
CA VAL A 43 -2.33 5.97 -8.15
C VAL A 43 -1.18 6.96 -7.96
N HIS A 44 -0.53 6.94 -6.79
CA HIS A 44 0.64 7.73 -6.44
C HIS A 44 1.29 7.12 -5.18
N GLU A 45 2.32 7.76 -4.64
CA GLU A 45 2.78 7.62 -3.26
C GLU A 45 1.95 8.59 -2.38
N GLY A 46 2.27 8.70 -1.08
CA GLY A 46 1.61 9.63 -0.15
C GLY A 46 0.22 9.12 0.27
N PRO A 47 -0.20 9.30 1.53
CA PRO A 47 -1.43 8.71 2.05
C PRO A 47 -2.64 9.55 1.68
N CYS A 48 -3.78 8.90 1.45
CA CYS A 48 -5.07 9.59 1.33
C CYS A 48 -5.70 9.79 2.70
N ASP A 49 -5.54 8.80 3.58
CA ASP A 49 -5.82 8.89 4.99
C ASP A 49 -4.94 9.97 5.62
N GLU A 50 -5.51 10.76 6.54
CA GLU A 50 -4.79 11.72 7.35
C GLU A 50 -5.62 11.88 8.62
N HIS A 51 -4.98 11.76 9.79
CA HIS A 51 -5.64 11.89 11.07
C HIS A 51 -4.61 12.39 12.09
N ASP A 52 -3.63 11.53 12.40
CA ASP A 52 -2.41 11.83 13.14
C ASP A 52 -1.53 10.56 13.09
N HIS A 53 -0.29 10.66 13.55
CA HIS A 53 0.64 9.53 13.66
C HIS A 53 0.81 9.12 15.13
N ASP A 54 -0.24 8.53 15.70
CA ASP A 54 -0.18 7.89 17.01
C ASP A 54 0.73 6.65 16.94
N PHE A 55 1.26 6.21 18.09
CA PHE A 55 2.07 5.01 18.23
C PHE A 55 1.97 4.56 19.68
N PHE A 1 0.19 -16.69 -3.94
CA PHE A 1 0.05 -15.25 -3.62
C PHE A 1 0.00 -15.17 -2.10
N GLN A 2 1.05 -14.65 -1.46
CA GLN A 2 1.09 -14.18 -0.08
C GLN A 2 2.50 -13.59 0.15
N GLY A 3 3.50 -14.44 0.37
CA GLY A 3 4.84 -14.03 0.77
C GLY A 3 5.73 -13.61 -0.39
N ASN A 4 5.50 -14.13 -1.61
CA ASN A 4 6.23 -13.66 -2.78
C ASN A 4 5.98 -12.19 -3.15
N PRO A 5 4.73 -11.69 -3.14
CA PRO A 5 4.48 -10.24 -3.19
C PRO A 5 4.93 -9.56 -1.89
N CYS A 6 4.53 -10.04 -0.70
CA CYS A 6 4.91 -9.38 0.55
C CYS A 6 6.23 -9.95 1.11
N GLU A 7 7.34 -9.53 0.49
CA GLU A 7 8.66 -9.58 1.10
C GLU A 7 9.23 -8.18 0.95
N CYS A 8 9.23 -7.39 2.03
CA CYS A 8 9.62 -6.00 2.06
C CYS A 8 9.75 -5.53 3.52
N PRO A 9 10.37 -4.37 3.80
CA PRO A 9 10.57 -3.91 5.17
C PRO A 9 9.27 -3.32 5.73
N ARG A 10 9.18 -3.26 7.07
CA ARG A 10 8.09 -2.56 7.77
C ARG A 10 8.33 -1.04 7.76
N ALA A 11 8.75 -0.49 6.63
CA ALA A 11 8.90 0.92 6.36
C ALA A 11 7.55 1.62 6.36
N LEU A 12 7.41 2.69 7.16
CA LEU A 12 6.24 3.54 7.24
C LEU A 12 6.28 4.66 6.18
N HIS A 13 6.66 4.34 4.94
CA HIS A 13 6.68 5.27 3.81
C HIS A 13 5.29 5.37 3.19
N ARG A 14 4.30 5.85 3.95
CA ARG A 14 2.87 5.73 3.64
C ARG A 14 2.45 6.25 2.27
N VAL A 15 1.53 5.52 1.63
CA VAL A 15 0.98 5.81 0.30
C VAL A 15 -0.47 5.38 0.22
N CYS A 16 -1.18 5.63 -0.89
CA CYS A 16 -2.53 5.14 -1.08
C CYS A 16 -2.67 4.35 -2.37
N GLY A 17 -3.52 3.33 -2.33
CA GLY A 17 -4.00 2.67 -3.53
C GLY A 17 -5.34 3.22 -3.98
N SER A 18 -5.67 2.93 -5.23
CA SER A 18 -6.94 3.27 -5.89
C SER A 18 -8.19 2.82 -5.13
N ASP A 19 -8.00 1.94 -4.15
CA ASP A 19 -8.96 1.52 -3.16
C ASP A 19 -9.39 2.68 -2.24
N GLY A 20 -8.66 3.81 -2.21
CA GLY A 20 -8.74 4.82 -1.17
C GLY A 20 -7.94 4.41 0.06
N ASN A 21 -7.48 3.15 0.12
CA ASN A 21 -6.81 2.53 1.22
C ASN A 21 -5.37 3.01 1.30
N THR A 22 -4.98 3.73 2.36
CA THR A 22 -3.58 3.97 2.61
C THR A 22 -2.88 2.63 2.94
N TYR A 23 -1.64 2.48 2.50
CA TYR A 23 -0.75 1.37 2.78
C TYR A 23 0.49 1.96 3.44
N SER A 24 1.11 1.20 4.37
CA SER A 24 2.27 1.65 5.12
C SER A 24 3.46 1.98 4.23
N ASN A 25 3.52 1.42 3.02
CA ASN A 25 4.51 1.67 1.98
C ASN A 25 3.95 1.14 0.65
N PRO A 26 4.49 1.58 -0.50
CA PRO A 26 3.98 1.15 -1.80
C PRO A 26 4.30 -0.32 -2.10
N CYS A 27 5.22 -0.92 -1.33
CA CYS A 27 5.51 -2.34 -1.42
C CYS A 27 4.33 -3.16 -0.92
N MET A 28 3.66 -2.75 0.15
CA MET A 28 2.45 -3.44 0.64
C MET A 28 1.30 -3.33 -0.38
N LEU A 29 1.14 -2.18 -1.03
CA LEU A 29 0.20 -1.99 -2.14
C LEU A 29 0.53 -2.94 -3.26
N THR A 30 1.71 -2.79 -3.85
CA THR A 30 2.05 -3.62 -4.99
C THR A 30 2.04 -5.10 -4.61
N CYS A 31 2.39 -5.44 -3.35
CA CYS A 31 2.26 -6.77 -2.84
C CYS A 31 0.82 -7.21 -3.05
N ALA A 32 -0.12 -6.59 -2.31
CA ALA A 32 -1.56 -6.77 -2.41
C ALA A 32 -2.00 -6.94 -3.86
N LYS A 33 -1.59 -5.99 -4.68
CA LYS A 33 -1.92 -5.87 -6.09
C LYS A 33 -1.65 -7.19 -6.81
N HIS A 34 -0.39 -7.59 -6.80
CA HIS A 34 0.06 -8.83 -7.39
C HIS A 34 -0.46 -10.06 -6.64
N GLU A 35 -0.78 -9.90 -5.36
CA GLU A 35 -1.29 -10.97 -4.53
C GLU A 35 -2.72 -11.33 -4.97
N GLY A 36 -3.63 -10.36 -4.97
CA GLY A 36 -5.03 -10.57 -5.31
C GLY A 36 -5.82 -9.29 -5.57
N ASN A 37 -5.17 -8.15 -5.89
CA ASN A 37 -5.85 -6.89 -6.18
C ASN A 37 -5.40 -6.38 -7.55
N PRO A 38 -5.64 -7.07 -8.67
CA PRO A 38 -5.10 -6.64 -9.97
C PRO A 38 -5.61 -5.25 -10.40
N ASP A 39 -6.71 -4.79 -9.80
CA ASP A 39 -7.36 -3.50 -9.98
C ASP A 39 -6.69 -2.35 -9.22
N LEU A 40 -5.93 -2.67 -8.16
CA LEU A 40 -5.18 -1.68 -7.38
C LEU A 40 -4.10 -1.14 -8.27
N VAL A 41 -3.68 0.10 -8.02
CA VAL A 41 -2.62 0.82 -8.68
C VAL A 41 -2.09 1.90 -7.73
N GLN A 42 -0.88 2.40 -8.01
CA GLN A 42 -0.33 3.55 -7.34
C GLN A 42 -1.00 4.82 -7.89
N VAL A 43 -2.20 5.13 -7.40
CA VAL A 43 -2.93 6.35 -7.68
C VAL A 43 -2.08 7.58 -7.35
N HIS A 44 -1.36 7.53 -6.23
CA HIS A 44 -0.35 8.49 -5.81
C HIS A 44 0.58 7.74 -4.87
N GLU A 45 1.89 8.02 -4.91
CA GLU A 45 2.84 7.49 -3.94
C GLU A 45 2.85 8.42 -2.70
N GLY A 46 1.65 8.60 -2.13
CA GLY A 46 1.35 9.43 -0.98
C GLY A 46 -0.07 9.08 -0.49
N PRO A 47 -0.40 9.38 0.78
CA PRO A 47 -1.55 8.78 1.46
C PRO A 47 -2.89 9.46 1.12
N CYS A 48 -3.98 8.69 1.22
CA CYS A 48 -5.36 9.14 1.18
C CYS A 48 -5.79 9.55 2.58
N ASP A 49 -5.60 8.63 3.54
CA ASP A 49 -5.94 8.76 4.93
C ASP A 49 -4.92 9.66 5.64
N GLU A 50 -5.42 10.52 6.53
CA GLU A 50 -4.61 11.33 7.44
C GLU A 50 -5.46 11.66 8.68
N HIS A 51 -4.82 12.33 9.66
CA HIS A 51 -5.18 12.44 11.08
C HIS A 51 -3.90 12.84 11.82
N ASP A 52 -2.82 12.11 11.49
CA ASP A 52 -1.59 12.06 12.24
C ASP A 52 -0.79 13.34 12.02
N HIS A 53 -0.60 14.12 13.08
CA HIS A 53 0.16 15.37 13.08
C HIS A 53 1.14 15.30 14.26
N ASP A 54 2.21 14.52 14.08
CA ASP A 54 3.26 14.33 15.07
C ASP A 54 4.08 15.62 15.28
N PHE A 55 4.25 16.39 14.20
CA PHE A 55 4.80 17.74 14.15
C PHE A 55 4.16 18.41 12.93
N PHE A 1 0.95 -16.78 -4.47
CA PHE A 1 0.66 -15.42 -3.96
C PHE A 1 0.71 -15.42 -2.44
N GLN A 2 1.92 -15.40 -1.88
CA GLN A 2 2.21 -15.03 -0.51
C GLN A 2 3.74 -15.07 -0.39
N GLY A 3 4.36 -14.04 0.21
CA GLY A 3 5.81 -13.95 0.40
C GLY A 3 6.58 -13.62 -0.88
N ASN A 4 6.13 -14.14 -2.03
CA ASN A 4 6.64 -13.78 -3.35
C ASN A 4 6.35 -12.30 -3.64
N PRO A 5 5.11 -11.78 -3.47
CA PRO A 5 4.82 -10.35 -3.59
C PRO A 5 5.38 -9.51 -2.44
N CYS A 6 5.37 -9.99 -1.20
CA CYS A 6 5.74 -9.22 -0.01
C CYS A 6 7.09 -9.69 0.52
N GLU A 7 8.15 -9.00 0.11
CA GLU A 7 9.54 -9.24 0.55
C GLU A 7 10.13 -7.97 1.24
N CYS A 8 9.30 -6.94 1.44
CA CYS A 8 9.71 -5.59 1.82
C CYS A 8 9.75 -5.35 3.32
N PRO A 9 10.39 -4.24 3.76
CA PRO A 9 10.55 -3.94 5.18
C PRO A 9 9.32 -3.22 5.74
N ARG A 10 9.28 -3.12 7.08
CA ARG A 10 8.32 -2.29 7.83
C ARG A 10 8.69 -0.80 7.76
N ALA A 11 9.04 -0.30 6.57
CA ALA A 11 9.10 1.10 6.27
C ALA A 11 7.71 1.71 6.32
N LEU A 12 7.51 2.70 7.20
CA LEU A 12 6.27 3.47 7.39
C LEU A 12 6.08 4.54 6.31
N HIS A 13 6.33 4.19 5.04
CA HIS A 13 6.07 5.07 3.90
C HIS A 13 4.57 5.03 3.59
N ARG A 14 3.69 5.55 4.46
CA ARG A 14 2.25 5.39 4.20
C ARG A 14 1.87 5.99 2.83
N VAL A 15 1.09 5.25 2.04
CA VAL A 15 0.68 5.64 0.68
C VAL A 15 -0.80 5.38 0.46
N CYS A 16 -1.36 5.91 -0.62
CA CYS A 16 -2.74 5.69 -1.01
C CYS A 16 -2.84 4.75 -2.20
N GLY A 17 -3.81 3.82 -2.16
CA GLY A 17 -4.33 3.15 -3.36
C GLY A 17 -5.59 3.85 -3.84
N SER A 18 -5.98 3.56 -5.08
CA SER A 18 -6.99 4.25 -5.88
C SER A 18 -8.32 4.58 -5.19
N ASP A 19 -8.78 3.72 -4.28
CA ASP A 19 -10.02 3.91 -3.52
C ASP A 19 -9.89 5.04 -2.48
N GLY A 20 -8.74 5.70 -2.39
CA GLY A 20 -8.33 6.47 -1.22
C GLY A 20 -7.72 5.57 -0.13
N ASN A 21 -7.60 4.26 -0.40
CA ASN A 21 -7.32 3.22 0.57
C ASN A 21 -5.84 3.24 0.96
N THR A 22 -5.49 3.82 2.11
CA THR A 22 -4.11 3.93 2.51
C THR A 22 -3.49 2.53 2.79
N TYR A 23 -2.21 2.36 2.44
CA TYR A 23 -1.35 1.22 2.72
C TYR A 23 -0.12 1.71 3.49
N SER A 24 0.47 0.80 4.28
CA SER A 24 1.64 1.06 5.12
C SER A 24 2.89 1.43 4.31
N ASN A 25 3.00 0.95 3.07
CA ASN A 25 4.05 1.28 2.10
C ASN A 25 3.61 0.86 0.69
N PRO A 26 4.20 1.44 -0.37
CA PRO A 26 3.80 1.12 -1.74
C PRO A 26 4.23 -0.30 -2.12
N CYS A 27 5.23 -0.85 -1.41
CA CYS A 27 5.62 -2.22 -1.59
C CYS A 27 4.50 -3.19 -1.16
N MET A 28 3.85 -2.93 -0.01
CA MET A 28 2.68 -3.70 0.40
C MET A 28 1.51 -3.56 -0.58
N LEU A 29 1.30 -2.39 -1.19
CA LEU A 29 0.32 -2.21 -2.26
C LEU A 29 0.67 -3.11 -3.43
N THR A 30 1.80 -2.87 -4.10
CA THR A 30 2.12 -3.69 -5.27
C THR A 30 2.14 -5.19 -4.93
N CYS A 31 2.62 -5.54 -3.72
CA CYS A 31 2.55 -6.86 -3.18
C CYS A 31 1.12 -7.37 -3.26
N ALA A 32 0.21 -6.78 -2.47
CA ALA A 32 -1.23 -7.02 -2.51
C ALA A 32 -1.72 -7.20 -3.93
N LYS A 33 -1.39 -6.24 -4.79
CA LYS A 33 -1.80 -6.18 -6.18
C LYS A 33 -1.49 -7.49 -6.87
N HIS A 34 -0.19 -7.83 -6.97
CA HIS A 34 0.30 -9.08 -7.53
C HIS A 34 -0.08 -10.30 -6.69
N GLU A 35 -0.51 -10.11 -5.43
CA GLU A 35 -0.92 -11.20 -4.58
C GLU A 35 -2.34 -11.63 -5.00
N GLY A 36 -3.31 -10.73 -4.82
CA GLY A 36 -4.71 -11.03 -5.09
C GLY A 36 -5.56 -9.77 -5.26
N ASN A 37 -4.97 -8.65 -5.73
CA ASN A 37 -5.72 -7.40 -5.92
C ASN A 37 -5.48 -6.86 -7.33
N PRO A 38 -5.88 -7.53 -8.41
CA PRO A 38 -5.60 -7.05 -9.76
C PRO A 38 -6.27 -5.70 -10.06
N ASP A 39 -7.25 -5.30 -9.24
CA ASP A 39 -7.96 -4.03 -9.28
C ASP A 39 -7.19 -2.88 -8.64
N LEU A 40 -6.29 -3.18 -7.69
CA LEU A 40 -5.46 -2.17 -7.06
C LEU A 40 -4.54 -1.61 -8.12
N VAL A 41 -4.09 -0.36 -7.93
CA VAL A 41 -3.15 0.32 -8.79
C VAL A 41 -2.38 1.32 -7.92
N GLN A 42 -1.11 1.55 -8.26
CA GLN A 42 -0.33 2.62 -7.65
C GLN A 42 -0.79 3.93 -8.30
N VAL A 43 -1.85 4.52 -7.76
CA VAL A 43 -2.29 5.86 -8.08
C VAL A 43 -1.15 6.85 -7.91
N HIS A 44 -0.54 6.85 -6.71
CA HIS A 44 0.61 7.66 -6.36
C HIS A 44 1.22 7.16 -5.03
N GLU A 45 2.33 7.76 -4.58
CA GLU A 45 2.89 7.62 -3.22
C GLU A 45 2.17 8.65 -2.31
N GLY A 46 2.48 8.69 -1.02
CA GLY A 46 1.83 9.58 -0.05
C GLY A 46 0.42 9.10 0.36
N PRO A 47 0.01 9.24 1.64
CA PRO A 47 -1.25 8.70 2.10
C PRO A 47 -2.41 9.64 1.73
N CYS A 48 -3.58 9.04 1.46
CA CYS A 48 -4.83 9.77 1.28
C CYS A 48 -5.49 10.04 2.62
N ASP A 49 -5.76 8.98 3.39
CA ASP A 49 -6.33 9.11 4.72
C ASP A 49 -5.39 9.90 5.62
N GLU A 50 -5.96 10.68 6.54
CA GLU A 50 -5.18 11.63 7.33
C GLU A 50 -4.46 10.89 8.47
N HIS A 51 -3.45 11.52 9.08
CA HIS A 51 -2.76 10.96 10.22
C HIS A 51 -3.44 11.47 11.50
N ASP A 52 -4.31 10.65 12.10
CA ASP A 52 -4.93 10.98 13.39
C ASP A 52 -3.85 11.16 14.48
N HIS A 53 -4.22 11.78 15.59
CA HIS A 53 -3.34 12.22 16.66
C HIS A 53 -3.51 11.29 17.88
N ASP A 54 -3.29 9.99 17.67
CA ASP A 54 -3.58 8.96 18.69
C ASP A 54 -2.72 9.07 19.94
N PHE A 55 -1.49 9.60 19.83
CA PHE A 55 -0.57 9.82 20.94
C PHE A 55 -0.68 11.26 21.44
N PHE A 1 -0.51 -17.01 -3.12
CA PHE A 1 -0.26 -15.55 -3.12
C PHE A 1 0.06 -15.16 -1.69
N GLN A 2 1.35 -14.88 -1.40
CA GLN A 2 1.84 -14.25 -0.18
C GLN A 2 3.36 -14.05 -0.34
N GLY A 3 4.07 -15.18 -0.29
CA GLY A 3 5.52 -15.27 -0.33
C GLY A 3 6.02 -15.28 -1.76
N ASN A 4 5.86 -14.13 -2.42
CA ASN A 4 6.43 -13.76 -3.72
C ASN A 4 6.24 -12.23 -3.89
N PRO A 5 5.01 -11.69 -3.72
CA PRO A 5 4.79 -10.24 -3.65
C PRO A 5 5.36 -9.57 -2.38
N CYS A 6 5.24 -10.15 -1.17
CA CYS A 6 5.57 -9.44 0.07
C CYS A 6 6.93 -9.85 0.65
N GLU A 7 7.97 -9.10 0.28
CA GLU A 7 9.37 -9.33 0.67
C GLU A 7 10.00 -8.11 1.41
N CYS A 8 9.22 -7.06 1.64
CA CYS A 8 9.70 -5.71 1.98
C CYS A 8 9.88 -5.43 3.50
N PRO A 9 10.49 -4.28 3.87
CA PRO A 9 10.70 -3.90 5.27
C PRO A 9 9.47 -3.20 5.86
N ARG A 10 9.42 -3.04 7.19
CA ARG A 10 8.41 -2.22 7.87
C ARG A 10 8.77 -0.73 7.78
N ALA A 11 9.15 -0.24 6.60
CA ALA A 11 9.21 1.15 6.29
C ALA A 11 7.81 1.76 6.36
N LEU A 12 7.62 2.74 7.24
CA LEU A 12 6.41 3.52 7.48
C LEU A 12 6.19 4.60 6.38
N HIS A 13 6.40 4.23 5.13
CA HIS A 13 6.37 5.15 4.00
C HIS A 13 4.94 5.20 3.43
N ARG A 14 3.98 5.67 4.24
CA ARG A 14 2.52 5.51 3.99
C ARG A 14 2.06 6.09 2.65
N VAL A 15 1.15 5.38 1.96
CA VAL A 15 0.67 5.76 0.64
C VAL A 15 -0.79 5.43 0.40
N CYS A 16 -1.41 6.09 -0.59
CA CYS A 16 -2.78 5.87 -1.03
C CYS A 16 -2.81 4.88 -2.20
N GLY A 17 -3.73 3.90 -2.18
CA GLY A 17 -4.17 3.20 -3.37
C GLY A 17 -5.45 3.85 -3.91
N SER A 18 -5.79 3.51 -5.16
CA SER A 18 -6.82 4.15 -5.98
C SER A 18 -8.15 4.47 -5.30
N ASP A 19 -8.63 3.58 -4.43
CA ASP A 19 -9.87 3.73 -3.67
C ASP A 19 -9.81 4.83 -2.61
N GLY A 20 -8.66 5.51 -2.45
CA GLY A 20 -8.37 6.36 -1.29
C GLY A 20 -7.74 5.54 -0.15
N ASN A 21 -7.67 4.22 -0.34
CA ASN A 21 -7.30 3.22 0.63
C ASN A 21 -5.81 3.29 0.95
N THR A 22 -5.43 3.92 2.08
CA THR A 22 -4.03 4.04 2.49
C THR A 22 -3.42 2.67 2.87
N TYR A 23 -2.12 2.50 2.58
CA TYR A 23 -1.27 1.37 2.98
C TYR A 23 -0.02 1.93 3.68
N SER A 24 0.63 1.09 4.48
CA SER A 24 1.87 1.38 5.22
C SER A 24 3.07 1.70 4.33
N ASN A 25 3.13 1.15 3.12
CA ASN A 25 4.15 1.42 2.10
C ASN A 25 3.66 0.92 0.74
N PRO A 26 4.17 1.50 -0.38
CA PRO A 26 3.69 1.16 -1.72
C PRO A 26 4.14 -0.26 -2.11
N CYS A 27 5.14 -0.79 -1.39
CA CYS A 27 5.58 -2.17 -1.52
C CYS A 27 4.44 -3.13 -1.12
N MET A 28 3.76 -2.88 -0.01
CA MET A 28 2.60 -3.70 0.36
C MET A 28 1.43 -3.53 -0.62
N LEU A 29 1.24 -2.35 -1.23
CA LEU A 29 0.25 -2.15 -2.31
C LEU A 29 0.60 -3.05 -3.48
N THR A 30 1.74 -2.83 -4.11
CA THR A 30 2.08 -3.62 -5.30
C THR A 30 2.10 -5.12 -4.95
N CYS A 31 2.56 -5.45 -3.73
CA CYS A 31 2.50 -6.80 -3.20
C CYS A 31 1.07 -7.28 -3.30
N ALA A 32 0.16 -6.67 -2.53
CA ALA A 32 -1.27 -6.89 -2.52
C ALA A 32 -1.79 -7.10 -3.94
N LYS A 33 -1.46 -6.16 -4.82
CA LYS A 33 -1.89 -6.13 -6.21
C LYS A 33 -1.61 -7.46 -6.86
N HIS A 34 -0.33 -7.82 -6.93
CA HIS A 34 0.14 -9.09 -7.46
C HIS A 34 -0.26 -10.29 -6.60
N GLU A 35 -0.62 -10.09 -5.32
CA GLU A 35 -1.05 -11.19 -4.46
C GLU A 35 -2.50 -11.56 -4.84
N GLY A 36 -3.42 -10.59 -4.79
CA GLY A 36 -4.83 -10.85 -5.03
C GLY A 36 -5.67 -9.59 -5.27
N ASN A 37 -5.06 -8.46 -5.62
CA ASN A 37 -5.80 -7.20 -5.79
C ASN A 37 -5.59 -6.71 -7.23
N PRO A 38 -5.98 -7.43 -8.29
CA PRO A 38 -5.69 -6.99 -9.65
C PRO A 38 -6.33 -5.64 -10.01
N ASP A 39 -7.37 -5.25 -9.27
CA ASP A 39 -8.05 -3.97 -9.31
C ASP A 39 -7.21 -2.81 -8.74
N LEU A 40 -6.32 -3.09 -7.78
CA LEU A 40 -5.46 -2.09 -7.19
C LEU A 40 -4.52 -1.60 -8.27
N VAL A 41 -3.98 -0.41 -8.12
CA VAL A 41 -3.00 0.20 -8.99
C VAL A 41 -2.17 1.14 -8.12
N GLN A 42 -0.89 1.33 -8.48
CA GLN A 42 -0.10 2.41 -7.92
C GLN A 42 -0.63 3.69 -8.56
N VAL A 43 -1.63 4.32 -7.95
CA VAL A 43 -2.09 5.65 -8.28
C VAL A 43 -0.93 6.65 -8.23
N HIS A 44 -0.25 6.66 -7.06
CA HIS A 44 0.81 7.59 -6.65
C HIS A 44 1.13 7.23 -5.19
N GLU A 45 2.19 7.79 -4.62
CA GLU A 45 2.52 7.65 -3.21
C GLU A 45 1.76 8.72 -2.40
N GLY A 46 2.10 8.93 -1.13
CA GLY A 46 1.45 9.93 -0.27
C GLY A 46 0.16 9.36 0.33
N PRO A 47 -0.09 9.50 1.64
CA PRO A 47 -1.26 8.90 2.28
C PRO A 47 -2.52 9.72 2.01
N CYS A 48 -3.60 9.08 1.51
CA CYS A 48 -4.89 9.78 1.32
C CYS A 48 -5.63 9.93 2.66
N ASP A 49 -5.87 8.80 3.35
CA ASP A 49 -6.51 8.73 4.65
C ASP A 49 -5.57 9.23 5.76
N GLU A 50 -6.07 9.43 6.98
CA GLU A 50 -5.41 10.29 7.95
C GLU A 50 -4.13 9.67 8.52
N HIS A 51 -3.08 10.51 8.55
CA HIS A 51 -1.75 10.16 8.99
C HIS A 51 -1.60 10.40 10.49
N ASP A 52 -1.74 11.67 10.89
CA ASP A 52 -1.40 12.26 12.18
C ASP A 52 -2.42 11.82 13.28
N HIS A 53 -2.53 10.52 13.52
CA HIS A 53 -3.41 9.86 14.49
C HIS A 53 -2.90 10.11 15.92
N ASP A 54 -3.00 11.38 16.34
CA ASP A 54 -2.57 11.89 17.63
C ASP A 54 -3.55 11.52 18.76
N PHE A 55 -4.84 11.36 18.44
CA PHE A 55 -5.89 10.82 19.30
C PHE A 55 -7.01 10.31 18.39
N PHE A 1 0.13 -16.95 -4.99
CA PHE A 1 0.06 -15.62 -4.35
C PHE A 1 0.20 -15.77 -2.85
N GLN A 2 1.46 -15.66 -2.41
CA GLN A 2 1.88 -15.07 -1.16
C GLN A 2 3.40 -14.90 -1.31
N GLY A 3 4.03 -14.02 -0.53
CA GLY A 3 5.47 -14.00 -0.29
C GLY A 3 6.33 -13.46 -1.44
N ASN A 4 6.13 -13.96 -2.68
CA ASN A 4 6.81 -13.46 -3.87
C ASN A 4 6.41 -11.99 -4.14
N PRO A 5 5.13 -11.59 -4.04
CA PRO A 5 4.79 -10.19 -3.84
C PRO A 5 5.31 -9.70 -2.49
N CYS A 6 4.82 -10.30 -1.41
CA CYS A 6 4.84 -9.69 -0.09
C CYS A 6 6.07 -10.07 0.72
N GLU A 7 7.21 -9.49 0.35
CA GLU A 7 8.39 -9.35 1.20
C GLU A 7 8.93 -7.95 0.90
N CYS A 8 9.21 -7.14 1.93
CA CYS A 8 9.62 -5.74 1.86
C CYS A 8 9.83 -5.20 3.28
N PRO A 9 10.46 -4.02 3.47
CA PRO A 9 10.71 -3.50 4.81
C PRO A 9 9.41 -3.01 5.43
N ARG A 10 9.37 -2.96 6.77
CA ARG A 10 8.28 -2.32 7.51
C ARG A 10 8.54 -0.81 7.58
N ALA A 11 8.98 -0.21 6.47
CA ALA A 11 9.03 1.19 6.20
C ALA A 11 7.63 1.77 6.14
N LEU A 12 7.35 2.78 6.96
CA LEU A 12 6.07 3.50 7.04
C LEU A 12 5.93 4.54 5.93
N HIS A 13 6.09 4.16 4.66
CA HIS A 13 5.63 4.97 3.53
C HIS A 13 4.10 4.90 3.50
N ARG A 14 3.41 5.69 4.31
CA ARG A 14 1.96 5.76 4.31
C ARG A 14 1.45 6.34 2.98
N VAL A 15 1.27 5.50 1.96
CA VAL A 15 0.77 5.85 0.63
C VAL A 15 -0.70 5.59 0.43
N CYS A 16 -1.36 6.31 -0.48
CA CYS A 16 -2.69 5.96 -0.93
C CYS A 16 -2.60 4.96 -2.07
N GLY A 17 -3.31 3.84 -1.98
CA GLY A 17 -3.64 3.08 -3.16
C GLY A 17 -5.00 3.52 -3.64
N SER A 18 -5.27 3.17 -4.89
CA SER A 18 -6.36 3.64 -5.74
C SER A 18 -7.68 3.97 -5.07
N ASP A 19 -8.19 3.03 -4.28
CA ASP A 19 -9.54 2.99 -3.75
C ASP A 19 -9.67 3.88 -2.50
N GLY A 20 -8.85 4.94 -2.40
CA GLY A 20 -8.61 5.72 -1.18
C GLY A 20 -7.85 4.91 -0.11
N ASN A 21 -7.55 3.65 -0.41
CA ASN A 21 -7.10 2.58 0.43
C ASN A 21 -5.63 2.83 0.77
N THR A 22 -5.36 3.56 1.86
CA THR A 22 -3.98 3.86 2.25
C THR A 22 -3.26 2.55 2.65
N TYR A 23 -1.97 2.41 2.35
CA TYR A 23 -1.09 1.30 2.68
C TYR A 23 0.15 1.84 3.38
N SER A 24 0.75 1.00 4.24
CA SER A 24 1.96 1.27 4.99
C SER A 24 3.22 1.43 4.11
N ASN A 25 3.23 0.95 2.86
CA ASN A 25 4.23 1.26 1.84
C ASN A 25 3.69 0.86 0.46
N PRO A 26 4.17 1.49 -0.64
CA PRO A 26 3.69 1.18 -1.98
C PRO A 26 4.15 -0.23 -2.40
N CYS A 27 5.20 -0.75 -1.75
CA CYS A 27 5.59 -2.14 -1.87
C CYS A 27 4.43 -3.02 -1.40
N MET A 28 3.95 -2.89 -0.17
CA MET A 28 2.86 -3.73 0.33
C MET A 28 1.56 -3.57 -0.48
N LEU A 29 1.25 -2.37 -1.00
CA LEU A 29 0.22 -2.19 -2.01
C LEU A 29 0.49 -3.10 -3.20
N THR A 30 1.60 -2.86 -3.89
CA THR A 30 1.83 -3.62 -5.13
C THR A 30 1.97 -5.12 -4.83
N CYS A 31 2.43 -5.48 -3.62
CA CYS A 31 2.53 -6.84 -3.16
C CYS A 31 1.12 -7.39 -3.19
N ALA A 32 0.22 -6.82 -2.39
CA ALA A 32 -1.21 -7.09 -2.33
C ALA A 32 -1.80 -7.23 -3.72
N LYS A 33 -1.55 -6.21 -4.56
CA LYS A 33 -2.01 -6.11 -5.93
C LYS A 33 -1.73 -7.39 -6.69
N HIS A 34 -0.45 -7.70 -6.80
CA HIS A 34 0.04 -8.87 -7.49
C HIS A 34 -0.24 -10.17 -6.72
N GLU A 35 -0.56 -10.05 -5.44
CA GLU A 35 -1.03 -11.18 -4.62
C GLU A 35 -2.49 -11.50 -5.02
N GLY A 36 -3.45 -10.62 -4.72
CA GLY A 36 -4.88 -10.86 -4.91
C GLY A 36 -5.71 -9.60 -5.09
N ASN A 37 -5.11 -8.48 -5.53
CA ASN A 37 -5.81 -7.22 -5.80
C ASN A 37 -5.44 -6.72 -7.19
N PRO A 38 -5.63 -7.45 -8.30
CA PRO A 38 -5.11 -7.03 -9.62
C PRO A 38 -5.65 -5.66 -10.07
N ASP A 39 -6.79 -5.28 -9.49
CA ASP A 39 -7.54 -4.03 -9.55
C ASP A 39 -6.80 -2.82 -8.95
N LEU A 40 -6.00 -3.05 -7.91
CA LEU A 40 -5.26 -2.03 -7.18
C LEU A 40 -4.23 -1.45 -8.11
N VAL A 41 -3.84 -0.21 -7.85
CA VAL A 41 -2.73 0.46 -8.48
C VAL A 41 -2.12 1.46 -7.50
N GLN A 42 -0.81 1.70 -7.65
CA GLN A 42 -0.15 2.82 -7.01
C GLN A 42 -0.54 4.07 -7.79
N VAL A 43 -1.70 4.62 -7.43
CA VAL A 43 -2.20 5.90 -7.91
C VAL A 43 -1.15 7.00 -7.71
N HIS A 44 -0.39 6.92 -6.62
CA HIS A 44 0.66 7.83 -6.20
C HIS A 44 1.23 7.29 -4.89
N GLU A 45 2.35 7.86 -4.42
CA GLU A 45 2.73 7.77 -3.02
C GLU A 45 2.01 8.92 -2.27
N GLY A 46 2.18 9.00 -0.94
CA GLY A 46 1.46 9.93 -0.07
C GLY A 46 0.01 9.46 0.18
N PRO A 47 -0.51 9.58 1.42
CA PRO A 47 -1.73 8.90 1.86
C PRO A 47 -2.99 9.69 1.50
N CYS A 48 -4.10 8.96 1.32
CA CYS A 48 -5.43 9.56 1.26
C CYS A 48 -6.01 9.76 2.65
N ASP A 49 -5.66 8.84 3.58
CA ASP A 49 -5.82 8.99 5.00
C ASP A 49 -4.90 10.12 5.51
N GLU A 50 -5.12 10.58 6.73
CA GLU A 50 -4.30 11.57 7.44
C GLU A 50 -4.45 11.39 8.98
N HIS A 51 -5.20 10.38 9.45
CA HIS A 51 -5.49 10.23 10.88
C HIS A 51 -4.32 9.61 11.67
N ASP A 52 -3.41 8.89 11.00
CA ASP A 52 -2.28 8.22 11.62
C ASP A 52 -1.17 9.20 11.99
N HIS A 53 -0.64 9.07 13.21
CA HIS A 53 0.62 9.66 13.68
C HIS A 53 1.20 8.74 14.77
N ASP A 54 1.39 7.46 14.42
CA ASP A 54 2.05 6.48 15.31
C ASP A 54 3.58 6.55 15.13
N PHE A 55 4.32 5.83 15.98
CA PHE A 55 5.77 5.72 15.98
C PHE A 55 6.25 4.79 14.86
N PHE A 1 0.60 -16.70 -3.51
CA PHE A 1 0.46 -15.24 -3.36
C PHE A 1 0.64 -14.92 -1.89
N GLN A 2 1.87 -14.52 -1.49
CA GLN A 2 2.18 -13.79 -0.25
C GLN A 2 3.68 -13.50 -0.26
N GLY A 3 4.46 -14.55 -0.03
CA GLY A 3 5.91 -14.56 0.11
C GLY A 3 6.62 -14.54 -1.24
N ASN A 4 6.24 -13.58 -2.08
CA ASN A 4 6.82 -13.25 -3.37
C ASN A 4 6.43 -11.82 -3.72
N PRO A 5 5.12 -11.45 -3.71
CA PRO A 5 4.73 -10.06 -3.75
C PRO A 5 5.28 -9.26 -2.56
N CYS A 6 5.23 -9.82 -1.33
CA CYS A 6 5.77 -9.18 -0.15
C CYS A 6 7.13 -9.80 0.19
N GLU A 7 8.21 -9.11 -0.19
CA GLU A 7 9.52 -9.29 0.40
C GLU A 7 10.11 -7.89 0.61
N CYS A 8 9.65 -7.22 1.67
CA CYS A 8 9.83 -5.78 1.89
C CYS A 8 9.73 -5.44 3.38
N PRO A 9 10.15 -4.22 3.79
CA PRO A 9 10.17 -3.82 5.20
C PRO A 9 8.77 -3.40 5.70
N ARG A 10 8.61 -3.39 7.02
CA ARG A 10 7.47 -2.78 7.73
C ARG A 10 7.58 -1.24 7.73
N ALA A 11 7.94 -0.64 6.60
CA ALA A 11 8.07 0.78 6.43
C ALA A 11 6.73 1.47 6.59
N LEU A 12 6.69 2.53 7.40
CA LEU A 12 5.60 3.51 7.52
C LEU A 12 5.78 4.62 6.48
N HIS A 13 6.12 4.28 5.23
CA HIS A 13 6.26 5.23 4.14
C HIS A 13 4.92 5.31 3.40
N ARG A 14 3.88 5.75 4.12
CA ARG A 14 2.47 5.50 3.77
C ARG A 14 2.08 6.02 2.39
N VAL A 15 1.23 5.26 1.68
CA VAL A 15 0.78 5.58 0.33
C VAL A 15 -0.68 5.20 0.09
N CYS A 16 -1.29 5.66 -1.00
CA CYS A 16 -2.67 5.35 -1.32
C CYS A 16 -2.81 4.49 -2.57
N GLY A 17 -3.67 3.47 -2.51
CA GLY A 17 -4.25 2.86 -3.69
C GLY A 17 -5.64 3.45 -4.00
N SER A 18 -6.11 3.22 -5.23
CA SER A 18 -7.24 3.94 -5.85
C SER A 18 -8.57 4.01 -5.10
N ASP A 19 -8.88 3.04 -4.24
CA ASP A 19 -10.06 3.05 -3.37
C ASP A 19 -10.00 4.18 -2.32
N GLY A 20 -8.84 4.82 -2.11
CA GLY A 20 -8.54 5.56 -0.90
C GLY A 20 -7.76 4.70 0.10
N ASN A 21 -7.55 3.43 -0.26
CA ASN A 21 -6.95 2.35 0.50
C ASN A 21 -5.49 2.72 0.77
N THR A 22 -5.24 3.45 1.86
CA THR A 22 -3.89 3.73 2.27
C THR A 22 -3.22 2.41 2.69
N TYR A 23 -1.93 2.27 2.39
CA TYR A 23 -1.06 1.18 2.78
C TYR A 23 0.15 1.79 3.48
N SER A 24 0.80 0.99 4.34
CA SER A 24 2.00 1.40 5.07
C SER A 24 3.13 1.83 4.13
N ASN A 25 3.22 1.27 2.92
CA ASN A 25 4.25 1.56 1.93
C ASN A 25 3.78 1.06 0.56
N PRO A 26 4.35 1.55 -0.55
CA PRO A 26 3.92 1.17 -1.89
C PRO A 26 4.29 -0.29 -2.20
N CYS A 27 5.24 -0.85 -1.45
CA CYS A 27 5.61 -2.25 -1.57
C CYS A 27 4.47 -3.14 -1.09
N MET A 28 3.84 -2.83 0.06
CA MET A 28 2.69 -3.57 0.57
C MET A 28 1.49 -3.46 -0.38
N LEU A 29 1.28 -2.29 -1.01
CA LEU A 29 0.30 -2.11 -2.07
C LEU A 29 0.63 -3.03 -3.24
N THR A 30 1.74 -2.81 -3.92
CA THR A 30 2.05 -3.61 -5.10
C THR A 30 2.10 -5.09 -4.75
N CYS A 31 2.53 -5.44 -3.52
CA CYS A 31 2.51 -6.77 -3.01
C CYS A 31 1.08 -7.28 -3.11
N ALA A 32 0.18 -6.73 -2.28
CA ALA A 32 -1.26 -6.95 -2.29
C ALA A 32 -1.81 -7.09 -3.71
N LYS A 33 -1.49 -6.11 -4.55
CA LYS A 33 -1.91 -6.03 -5.93
C LYS A 33 -1.66 -7.33 -6.66
N HIS A 34 -0.38 -7.69 -6.76
CA HIS A 34 0.07 -8.94 -7.35
C HIS A 34 -0.40 -10.16 -6.56
N GLU A 35 -0.63 -10.00 -5.26
CA GLU A 35 -1.05 -11.07 -4.37
C GLU A 35 -2.50 -11.48 -4.71
N GLY A 36 -3.44 -10.54 -4.61
CA GLY A 36 -4.87 -10.78 -4.79
C GLY A 36 -5.69 -9.52 -5.02
N ASN A 37 -5.08 -8.40 -5.45
CA ASN A 37 -5.78 -7.15 -5.73
C ASN A 37 -5.38 -6.63 -7.12
N PRO A 38 -5.49 -7.38 -8.24
CA PRO A 38 -4.91 -6.93 -9.52
C PRO A 38 -5.48 -5.58 -9.99
N ASP A 39 -6.67 -5.25 -9.51
CA ASP A 39 -7.48 -4.04 -9.59
C ASP A 39 -6.86 -2.80 -8.93
N LEU A 40 -6.07 -2.98 -7.88
CA LEU A 40 -5.37 -1.92 -7.15
C LEU A 40 -4.34 -1.33 -8.10
N VAL A 41 -3.90 -0.10 -7.81
CA VAL A 41 -2.90 0.64 -8.54
C VAL A 41 -2.25 1.63 -7.57
N GLN A 42 -1.02 2.03 -7.87
CA GLN A 42 -0.42 3.19 -7.23
C GLN A 42 -1.04 4.44 -7.86
N VAL A 43 -2.17 4.91 -7.31
CA VAL A 43 -2.74 6.21 -7.67
C VAL A 43 -1.70 7.30 -7.49
N HIS A 44 -1.05 7.30 -6.32
CA HIS A 44 0.06 8.18 -6.01
C HIS A 44 0.82 7.58 -4.84
N GLU A 45 2.11 7.92 -4.70
CA GLU A 45 2.85 7.76 -3.45
C GLU A 45 2.37 8.87 -2.48
N GLY A 46 2.75 8.82 -1.22
CA GLY A 46 2.09 9.56 -0.13
C GLY A 46 0.61 9.11 0.04
N PRO A 47 0.01 9.30 1.23
CA PRO A 47 -1.24 8.64 1.56
C PRO A 47 -2.49 9.44 1.19
N CYS A 48 -3.65 8.76 1.17
CA CYS A 48 -4.96 9.42 1.09
C CYS A 48 -5.41 9.80 2.49
N ASP A 49 -5.44 8.83 3.42
CA ASP A 49 -5.67 9.08 4.81
C ASP A 49 -4.43 9.71 5.44
N GLU A 50 -4.64 10.76 6.23
CA GLU A 50 -3.66 11.33 7.15
C GLU A 50 -4.44 12.02 8.28
N HIS A 51 -5.59 11.43 8.66
CA HIS A 51 -6.62 12.06 9.48
C HIS A 51 -6.98 11.14 10.64
N ASP A 52 -6.31 11.33 11.77
CA ASP A 52 -6.52 10.68 13.06
C ASP A 52 -5.60 11.38 14.07
N HIS A 53 -5.83 11.09 15.36
CA HIS A 53 -5.11 11.66 16.48
C HIS A 53 -5.29 10.69 17.64
N ASP A 54 -4.28 9.87 17.90
CA ASP A 54 -4.29 8.82 18.91
C ASP A 54 -3.70 9.32 20.24
N PHE A 55 -4.00 8.61 21.33
CA PHE A 55 -3.57 8.93 22.69
C PHE A 55 -2.32 8.14 23.08
N PHE A 1 0.53 -17.05 -3.80
CA PHE A 1 0.53 -15.62 -3.48
C PHE A 1 0.65 -15.47 -1.98
N GLN A 2 1.90 -15.32 -1.54
CA GLN A 2 2.31 -14.99 -0.19
C GLN A 2 3.82 -14.73 -0.27
N GLY A 3 4.31 -13.65 0.35
CA GLY A 3 5.72 -13.44 0.65
C GLY A 3 6.60 -13.05 -0.55
N ASN A 4 6.43 -13.67 -1.72
CA ASN A 4 7.11 -13.24 -2.96
C ASN A 4 6.66 -11.82 -3.35
N PRO A 5 5.34 -11.50 -3.35
CA PRO A 5 4.89 -10.12 -3.42
C PRO A 5 5.47 -9.23 -2.30
N CYS A 6 5.52 -9.71 -1.04
CA CYS A 6 5.94 -8.94 0.14
C CYS A 6 7.36 -9.33 0.60
N GLU A 7 8.37 -9.06 -0.21
CA GLU A 7 9.79 -9.19 0.16
C GLU A 7 10.28 -8.00 1.01
N CYS A 8 9.40 -7.04 1.28
CA CYS A 8 9.74 -5.67 1.68
C CYS A 8 9.76 -5.42 3.19
N PRO A 9 10.34 -4.28 3.64
CA PRO A 9 10.48 -3.95 5.04
C PRO A 9 9.18 -3.41 5.62
N ARG A 10 9.08 -3.38 6.95
CA ARG A 10 7.95 -2.78 7.67
C ARG A 10 8.14 -1.27 7.77
N ALA A 11 8.56 -0.63 6.68
CA ALA A 11 8.63 0.80 6.50
C ALA A 11 7.25 1.42 6.48
N LEU A 12 7.00 2.40 7.35
CA LEU A 12 5.74 3.12 7.44
C LEU A 12 5.71 4.27 6.40
N HIS A 13 6.16 4.01 5.16
CA HIS A 13 6.24 5.01 4.11
C HIS A 13 4.87 5.11 3.41
N ARG A 14 3.85 5.48 4.18
CA ARG A 14 2.43 5.31 3.89
C ARG A 14 2.04 5.90 2.52
N VAL A 15 1.17 5.20 1.77
CA VAL A 15 0.74 5.60 0.43
C VAL A 15 -0.74 5.37 0.22
N CYS A 16 -1.36 6.08 -0.70
CA CYS A 16 -2.75 5.84 -1.06
C CYS A 16 -2.86 4.91 -2.25
N GLY A 17 -3.86 4.01 -2.24
CA GLY A 17 -4.36 3.33 -3.42
C GLY A 17 -5.58 4.06 -3.97
N SER A 18 -5.96 3.69 -5.20
CA SER A 18 -7.05 4.28 -5.98
C SER A 18 -8.42 4.43 -5.33
N ASP A 19 -8.75 3.72 -4.25
CA ASP A 19 -10.01 3.93 -3.54
C ASP A 19 -9.91 5.08 -2.50
N GLY A 20 -8.69 5.60 -2.24
CA GLY A 20 -8.42 6.36 -1.01
C GLY A 20 -7.80 5.45 0.05
N ASN A 21 -7.81 4.13 -0.21
CA ASN A 21 -7.34 3.05 0.61
C ASN A 21 -5.83 3.14 0.81
N THR A 22 -5.40 3.78 1.90
CA THR A 22 -4.01 3.92 2.25
C THR A 22 -3.41 2.53 2.61
N TYR A 23 -2.13 2.31 2.25
CA TYR A 23 -1.29 1.16 2.56
C TYR A 23 -0.03 1.67 3.28
N SER A 24 0.62 0.77 4.04
CA SER A 24 1.79 1.06 4.88
C SER A 24 3.01 1.54 4.11
N ASN A 25 3.18 1.09 2.86
CA ASN A 25 4.20 1.49 1.89
C ASN A 25 3.74 1.02 0.50
N PRO A 26 4.31 1.53 -0.61
CA PRO A 26 3.86 1.14 -1.93
C PRO A 26 4.28 -0.28 -2.28
N CYS A 27 5.24 -0.84 -1.53
CA CYS A 27 5.57 -2.23 -1.63
C CYS A 27 4.42 -3.10 -1.13
N MET A 28 3.83 -2.81 0.03
CA MET A 28 2.67 -3.53 0.57
C MET A 28 1.48 -3.47 -0.40
N LEU A 29 1.26 -2.31 -1.03
CA LEU A 29 0.31 -2.14 -2.13
C LEU A 29 0.67 -3.11 -3.25
N THR A 30 1.78 -2.90 -3.95
CA THR A 30 2.07 -3.73 -5.13
C THR A 30 2.14 -5.22 -4.78
N CYS A 31 2.58 -5.53 -3.55
CA CYS A 31 2.63 -6.85 -2.99
C CYS A 31 1.23 -7.42 -3.11
N ALA A 32 0.30 -6.88 -2.32
CA ALA A 32 -1.12 -7.14 -2.36
C ALA A 32 -1.64 -7.24 -3.79
N LYS A 33 -1.36 -6.23 -4.59
CA LYS A 33 -1.77 -6.14 -5.99
C LYS A 33 -1.48 -7.44 -6.72
N HIS A 34 -0.20 -7.83 -6.78
CA HIS A 34 0.20 -9.13 -7.32
C HIS A 34 -0.22 -10.31 -6.45
N GLU A 35 -0.51 -10.11 -5.16
CA GLU A 35 -0.85 -11.23 -4.28
C GLU A 35 -2.33 -11.63 -4.48
N GLY A 36 -3.21 -10.68 -4.82
CA GLY A 36 -4.63 -10.95 -4.99
C GLY A 36 -5.50 -9.71 -5.21
N ASN A 37 -4.94 -8.57 -5.65
CA ASN A 37 -5.70 -7.34 -5.82
C ASN A 37 -5.47 -6.77 -7.23
N PRO A 38 -5.87 -7.43 -8.32
CA PRO A 38 -5.55 -6.95 -9.67
C PRO A 38 -6.17 -5.58 -9.97
N ASP A 39 -7.17 -5.17 -9.19
CA ASP A 39 -7.89 -3.90 -9.24
C ASP A 39 -7.14 -2.75 -8.56
N LEU A 40 -6.26 -3.06 -7.60
CA LEU A 40 -5.45 -2.07 -6.91
C LEU A 40 -4.49 -1.51 -7.96
N VAL A 41 -4.06 -0.26 -7.78
CA VAL A 41 -3.09 0.36 -8.66
C VAL A 41 -2.29 1.39 -7.87
N GLN A 42 -1.05 1.63 -8.32
CA GLN A 42 -0.25 2.75 -7.90
C GLN A 42 -0.81 4.01 -8.57
N VAL A 43 -1.82 4.63 -7.93
CA VAL A 43 -2.26 5.98 -8.23
C VAL A 43 -1.10 6.96 -8.15
N HIS A 44 -0.44 6.97 -7.00
CA HIS A 44 0.76 7.68 -6.67
C HIS A 44 1.32 7.03 -5.38
N GLU A 45 2.34 7.64 -4.78
CA GLU A 45 2.87 7.33 -3.46
C GLU A 45 1.87 7.90 -2.41
N GLY A 46 2.32 8.54 -1.32
CA GLY A 46 1.58 9.51 -0.49
C GLY A 46 0.21 9.11 0.08
N PRO A 47 0.00 9.13 1.40
CA PRO A 47 -1.24 8.63 1.99
C PRO A 47 -2.42 9.58 1.74
N CYS A 48 -3.61 9.01 1.54
CA CYS A 48 -4.84 9.79 1.43
C CYS A 48 -5.43 10.02 2.83
N ASP A 49 -5.22 9.06 3.73
CA ASP A 49 -5.77 9.05 5.06
C ASP A 49 -5.05 10.02 6.00
N GLU A 50 -5.77 10.57 6.98
CA GLU A 50 -5.30 11.58 7.93
C GLU A 50 -6.20 11.48 9.17
N HIS A 51 -5.78 10.74 10.19
CA HIS A 51 -6.50 10.67 11.47
C HIS A 51 -5.57 10.08 12.53
N ASP A 52 -5.26 10.84 13.57
CA ASP A 52 -4.53 10.36 14.74
C ASP A 52 -5.28 9.23 15.44
N HIS A 53 -4.56 8.38 16.17
CA HIS A 53 -5.07 7.15 16.76
C HIS A 53 -4.23 6.86 18.02
N ASP A 54 -4.12 7.88 18.89
CA ASP A 54 -3.37 7.85 20.15
C ASP A 54 -3.88 6.73 21.05
N PHE A 55 -5.15 6.83 21.48
CA PHE A 55 -5.86 5.80 22.22
C PHE A 55 -6.65 4.93 21.23
N PHE A 1 0.76 -16.86 -4.62
CA PHE A 1 0.52 -15.56 -3.98
C PHE A 1 0.57 -15.68 -2.47
N GLN A 2 1.78 -15.78 -1.91
CA GLN A 2 2.12 -15.11 -0.67
C GLN A 2 3.63 -14.97 -0.64
N GLY A 3 4.17 -14.06 0.17
CA GLY A 3 5.59 -13.98 0.51
C GLY A 3 6.46 -13.38 -0.60
N ASN A 4 6.34 -13.89 -1.83
CA ASN A 4 7.04 -13.33 -3.00
C ASN A 4 6.57 -11.91 -3.30
N PRO A 5 5.25 -11.58 -3.29
CA PRO A 5 4.80 -10.19 -3.29
C PRO A 5 5.38 -9.42 -2.08
N CYS A 6 5.07 -9.84 -0.85
CA CYS A 6 5.50 -9.14 0.37
C CYS A 6 6.88 -9.61 0.84
N GLU A 7 7.90 -9.48 -0.01
CA GLU A 7 9.29 -9.61 0.43
C GLU A 7 9.81 -8.33 1.11
N CYS A 8 9.04 -7.24 1.01
CA CYS A 8 9.41 -5.90 1.42
C CYS A 8 9.31 -5.66 2.94
N PRO A 9 9.92 -4.57 3.46
CA PRO A 9 9.96 -4.29 4.87
C PRO A 9 8.69 -3.57 5.35
N ARG A 10 8.49 -3.56 6.68
CA ARG A 10 7.44 -2.78 7.35
C ARG A 10 7.85 -1.31 7.50
N ALA A 11 8.42 -0.71 6.45
CA ALA A 11 8.69 0.69 6.32
C ALA A 11 7.38 1.49 6.26
N LEU A 12 7.25 2.52 7.10
CA LEU A 12 6.11 3.43 7.15
C LEU A 12 6.25 4.58 6.13
N HIS A 13 6.68 4.29 4.90
CA HIS A 13 6.74 5.24 3.79
C HIS A 13 5.34 5.38 3.16
N ARG A 14 4.37 5.89 3.92
CA ARG A 14 2.93 5.71 3.62
C ARG A 14 2.53 6.21 2.23
N VAL A 15 1.61 5.49 1.57
CA VAL A 15 1.08 5.83 0.25
C VAL A 15 -0.40 5.54 0.14
N CYS A 16 -1.08 5.98 -0.92
CA CYS A 16 -2.51 5.71 -1.11
C CYS A 16 -2.77 4.90 -2.38
N GLY A 17 -3.66 3.91 -2.27
CA GLY A 17 -4.26 3.23 -3.41
C GLY A 17 -5.56 3.90 -3.80
N SER A 18 -6.05 3.58 -5.01
CA SER A 18 -7.21 4.16 -5.71
C SER A 18 -8.39 4.55 -4.84
N ASP A 19 -8.64 3.66 -3.90
CA ASP A 19 -9.63 3.50 -2.88
C ASP A 19 -9.55 4.61 -1.82
N GLY A 20 -8.58 5.55 -1.92
CA GLY A 20 -8.19 6.46 -0.82
C GLY A 20 -7.38 5.74 0.27
N ASN A 21 -7.32 4.41 0.16
CA ASN A 21 -6.82 3.42 1.07
C ASN A 21 -5.32 3.59 1.25
N THR A 22 -4.90 4.31 2.30
CA THR A 22 -3.49 4.44 2.59
C THR A 22 -2.89 3.08 3.00
N TYR A 23 -1.66 2.81 2.60
CA TYR A 23 -0.83 1.67 2.95
C TYR A 23 0.42 2.20 3.65
N SER A 24 1.08 1.35 4.44
CA SER A 24 2.36 1.64 5.09
C SER A 24 3.46 1.98 4.09
N ASN A 25 3.45 1.41 2.87
CA ASN A 25 4.42 1.67 1.81
C ASN A 25 3.85 1.15 0.49
N PRO A 26 4.34 1.61 -0.68
CA PRO A 26 3.80 1.19 -1.97
C PRO A 26 4.15 -0.26 -2.28
N CYS A 27 5.12 -0.83 -1.55
CA CYS A 27 5.55 -2.19 -1.74
C CYS A 27 4.50 -3.16 -1.20
N MET A 28 3.88 -2.86 -0.06
CA MET A 28 2.84 -3.67 0.54
C MET A 28 1.64 -3.67 -0.39
N LEU A 29 1.30 -2.48 -0.89
CA LEU A 29 0.26 -2.27 -1.87
C LEU A 29 0.54 -3.15 -3.08
N THR A 30 1.65 -2.91 -3.76
CA THR A 30 1.96 -3.66 -4.98
C THR A 30 2.06 -5.17 -4.67
N CYS A 31 2.52 -5.53 -3.46
CA CYS A 31 2.55 -6.88 -2.97
C CYS A 31 1.13 -7.42 -3.11
N ALA A 32 0.21 -6.87 -2.31
CA ALA A 32 -1.22 -7.13 -2.31
C ALA A 32 -1.78 -7.21 -3.72
N LYS A 33 -1.51 -6.19 -4.52
CA LYS A 33 -1.92 -6.09 -5.91
C LYS A 33 -1.65 -7.38 -6.65
N HIS A 34 -0.37 -7.78 -6.70
CA HIS A 34 0.07 -9.04 -7.27
C HIS A 34 -0.43 -10.24 -6.46
N GLU A 35 -0.65 -10.06 -5.17
CA GLU A 35 -0.99 -11.18 -4.27
C GLU A 35 -2.49 -11.56 -4.39
N GLY A 36 -3.35 -10.61 -4.77
CA GLY A 36 -4.79 -10.85 -4.87
C GLY A 36 -5.64 -9.59 -5.06
N ASN A 37 -5.06 -8.47 -5.51
CA ASN A 37 -5.78 -7.22 -5.74
C ASN A 37 -5.41 -6.67 -7.13
N PRO A 38 -5.53 -7.40 -8.25
CA PRO A 38 -4.98 -6.95 -9.54
C PRO A 38 -5.56 -5.57 -9.97
N ASP A 39 -6.74 -5.26 -9.45
CA ASP A 39 -7.55 -4.06 -9.49
C ASP A 39 -6.93 -2.82 -8.84
N LEU A 40 -6.13 -3.03 -7.78
CA LEU A 40 -5.45 -1.97 -7.04
C LEU A 40 -4.42 -1.36 -7.97
N VAL A 41 -4.01 -0.12 -7.68
CA VAL A 41 -2.98 0.65 -8.31
C VAL A 41 -2.43 1.63 -7.27
N GLN A 42 -1.13 1.94 -7.35
CA GLN A 42 -0.54 3.04 -6.61
C GLN A 42 -0.85 4.31 -7.40
N VAL A 43 -2.05 4.84 -7.16
CA VAL A 43 -2.60 6.02 -7.83
C VAL A 43 -1.62 7.18 -7.72
N HIS A 44 -1.00 7.34 -6.55
CA HIS A 44 0.24 8.07 -6.37
C HIS A 44 0.91 7.51 -5.11
N GLU A 45 2.20 7.77 -4.94
CA GLU A 45 2.84 7.62 -3.64
C GLU A 45 2.44 8.85 -2.76
N GLY A 46 2.92 8.92 -1.52
CA GLY A 46 2.34 9.77 -0.48
C GLY A 46 0.93 9.33 -0.07
N PRO A 47 0.51 9.55 1.19
CA PRO A 47 -0.76 9.05 1.69
C PRO A 47 -1.92 9.96 1.30
N CYS A 48 -3.13 9.40 1.18
CA CYS A 48 -4.36 10.16 1.02
C CYS A 48 -4.90 10.53 2.40
N ASP A 49 -5.46 9.52 3.06
CA ASP A 49 -6.35 9.58 4.19
C ASP A 49 -6.59 8.13 4.66
N GLU A 50 -7.46 7.92 5.66
CA GLU A 50 -8.18 6.66 5.99
C GLU A 50 -8.75 6.70 7.40
N HIS A 51 -7.96 7.19 8.37
CA HIS A 51 -8.38 7.30 9.76
C HIS A 51 -8.15 8.75 10.19
N ASP A 52 -9.24 9.46 10.42
CA ASP A 52 -9.29 10.77 11.06
C ASP A 52 -8.58 10.71 12.41
N HIS A 53 -7.63 11.63 12.62
CA HIS A 53 -6.84 11.80 13.85
C HIS A 53 -7.27 13.05 14.64
N ASP A 54 -8.55 13.44 14.54
CA ASP A 54 -9.08 14.67 15.13
C ASP A 54 -9.11 14.59 16.68
N PHE A 55 -9.22 15.75 17.35
CA PHE A 55 -9.16 15.88 18.81
C PHE A 55 -9.96 17.11 19.25
N PHE A 1 -0.75 -17.13 -3.50
CA PHE A 1 -0.41 -15.70 -3.34
C PHE A 1 -0.10 -15.46 -1.89
N GLN A 2 1.19 -15.63 -1.61
CA GLN A 2 1.92 -15.00 -0.53
C GLN A 2 3.40 -15.19 -0.90
N GLY A 3 4.27 -14.46 -0.22
CA GLY A 3 5.69 -14.77 -0.08
C GLY A 3 6.54 -14.53 -1.33
N ASN A 4 5.96 -13.88 -2.34
CA ASN A 4 6.61 -13.40 -3.55
C ASN A 4 6.22 -11.97 -3.91
N PRO A 5 4.93 -11.60 -3.82
CA PRO A 5 4.52 -10.19 -3.79
C PRO A 5 5.19 -9.41 -2.66
N CYS A 6 5.13 -9.92 -1.42
CA CYS A 6 5.69 -9.25 -0.24
C CYS A 6 7.10 -9.78 0.05
N GLU A 7 8.11 -8.95 -0.22
CA GLU A 7 9.52 -9.21 0.08
C GLU A 7 10.15 -7.89 0.57
N CYS A 8 9.53 -7.24 1.58
CA CYS A 8 9.77 -5.83 1.88
C CYS A 8 9.73 -5.50 3.38
N PRO A 9 10.27 -4.33 3.78
CA PRO A 9 10.37 -3.93 5.17
C PRO A 9 9.06 -3.30 5.68
N ARG A 10 8.97 -3.16 7.00
CA ARG A 10 7.94 -2.37 7.67
C ARG A 10 8.35 -0.89 7.69
N ALA A 11 8.82 -0.36 6.55
CA ALA A 11 9.01 1.06 6.34
C ALA A 11 7.66 1.76 6.35
N LEU A 12 7.48 2.74 7.23
CA LEU A 12 6.27 3.54 7.40
C LEU A 12 6.16 4.64 6.32
N HIS A 13 6.46 4.32 5.06
CA HIS A 13 6.17 5.21 3.94
C HIS A 13 4.67 5.07 3.62
N ARG A 14 3.78 5.68 4.41
CA ARG A 14 2.35 5.57 4.11
C ARG A 14 2.03 6.16 2.74
N VAL A 15 1.13 5.52 1.99
CA VAL A 15 0.78 5.87 0.61
C VAL A 15 -0.65 5.51 0.31
N CYS A 16 -1.22 6.02 -0.78
CA CYS A 16 -2.60 5.77 -1.15
C CYS A 16 -2.68 4.86 -2.38
N GLY A 17 -3.57 3.87 -2.36
CA GLY A 17 -4.08 3.21 -3.55
C GLY A 17 -5.43 3.84 -3.96
N SER A 18 -5.84 3.57 -5.19
CA SER A 18 -6.91 4.26 -5.93
C SER A 18 -8.21 4.58 -5.20
N ASP A 19 -8.72 3.69 -4.34
CA ASP A 19 -9.97 3.90 -3.60
C ASP A 19 -9.84 4.98 -2.50
N GLY A 20 -8.66 5.61 -2.35
CA GLY A 20 -8.30 6.33 -1.13
C GLY A 20 -7.64 5.41 -0.11
N ASN A 21 -7.40 4.16 -0.50
CA ASN A 21 -6.99 3.02 0.29
C ASN A 21 -5.54 3.19 0.74
N THR A 22 -5.28 3.79 1.89
CA THR A 22 -3.90 3.95 2.35
C THR A 22 -3.27 2.57 2.65
N TYR A 23 -1.98 2.42 2.36
CA TYR A 23 -1.11 1.30 2.69
C TYR A 23 0.09 1.85 3.44
N SER A 24 0.71 1.00 4.27
CA SER A 24 1.88 1.29 5.08
C SER A 24 3.15 1.54 4.26
N ASN A 25 3.23 1.01 3.02
CA ASN A 25 4.25 1.29 2.02
C ASN A 25 3.77 0.82 0.64
N PRO A 26 4.31 1.40 -0.44
CA PRO A 26 3.88 1.05 -1.79
C PRO A 26 4.32 -0.37 -2.17
N CYS A 27 5.29 -0.93 -1.43
CA CYS A 27 5.61 -2.33 -1.54
C CYS A 27 4.45 -3.19 -1.04
N MET A 28 3.87 -2.89 0.13
CA MET A 28 2.68 -3.60 0.63
C MET A 28 1.50 -3.50 -0.35
N LEU A 29 1.30 -2.33 -0.98
CA LEU A 29 0.34 -2.14 -2.08
C LEU A 29 0.67 -3.09 -3.21
N THR A 30 1.79 -2.91 -3.89
CA THR A 30 2.06 -3.73 -5.08
C THR A 30 2.11 -5.22 -4.74
N CYS A 31 2.51 -5.55 -3.50
CA CYS A 31 2.52 -6.88 -2.97
C CYS A 31 1.09 -7.39 -3.08
N ALA A 32 0.20 -6.86 -2.24
CA ALA A 32 -1.24 -7.06 -2.27
C ALA A 32 -1.77 -7.17 -3.68
N LYS A 33 -1.45 -6.18 -4.52
CA LYS A 33 -1.86 -6.10 -5.91
C LYS A 33 -1.58 -7.42 -6.63
N HIS A 34 -0.30 -7.80 -6.73
CA HIS A 34 0.13 -9.07 -7.30
C HIS A 34 -0.31 -10.26 -6.47
N GLU A 35 -0.64 -10.08 -5.19
CA GLU A 35 -1.10 -11.18 -4.34
C GLU A 35 -2.55 -11.52 -4.75
N GLY A 36 -3.48 -10.58 -4.60
CA GLY A 36 -4.90 -10.83 -4.84
C GLY A 36 -5.72 -9.56 -5.08
N ASN A 37 -5.10 -8.46 -5.52
CA ASN A 37 -5.80 -7.20 -5.75
C ASN A 37 -5.48 -6.67 -7.15
N PRO A 38 -5.85 -7.38 -8.25
CA PRO A 38 -5.47 -6.92 -9.59
C PRO A 38 -6.07 -5.54 -9.94
N ASP A 39 -7.11 -5.13 -9.20
CA ASP A 39 -7.82 -3.86 -9.25
C ASP A 39 -7.08 -2.72 -8.53
N LEU A 40 -6.20 -3.03 -7.57
CA LEU A 40 -5.36 -2.04 -6.92
C LEU A 40 -4.40 -1.52 -7.97
N VAL A 41 -3.92 -0.30 -7.80
CA VAL A 41 -2.95 0.33 -8.67
C VAL A 41 -2.14 1.33 -7.83
N GLN A 42 -0.90 1.57 -8.25
CA GLN A 42 -0.10 2.68 -7.77
C GLN A 42 -0.65 3.95 -8.43
N VAL A 43 -1.70 4.54 -7.85
CA VAL A 43 -2.18 5.87 -8.21
C VAL A 43 -1.03 6.87 -8.12
N HIS A 44 -0.41 6.90 -6.94
CA HIS A 44 0.77 7.66 -6.61
C HIS A 44 1.35 7.08 -5.32
N GLU A 45 2.34 7.74 -4.71
CA GLU A 45 2.84 7.52 -3.35
C GLU A 45 1.78 8.09 -2.37
N GLY A 46 2.17 8.80 -1.31
CA GLY A 46 1.37 9.77 -0.54
C GLY A 46 0.03 9.32 0.07
N PRO A 47 -0.15 9.33 1.40
CA PRO A 47 -1.32 8.77 2.04
C PRO A 47 -2.57 9.62 1.79
N CYS A 48 -3.71 8.98 1.50
CA CYS A 48 -5.01 9.63 1.40
C CYS A 48 -5.64 9.72 2.79
N ASP A 49 -5.96 8.57 3.40
CA ASP A 49 -6.48 8.48 4.75
C ASP A 49 -5.45 9.01 5.77
N GLU A 50 -5.94 9.88 6.66
CA GLU A 50 -5.21 10.51 7.73
C GLU A 50 -6.21 10.88 8.84
N HIS A 51 -5.68 11.07 10.05
CA HIS A 51 -6.42 11.54 11.23
C HIS A 51 -5.44 12.02 12.30
N ASP A 52 -4.26 11.39 12.29
CA ASP A 52 -3.01 11.76 12.90
C ASP A 52 -2.57 13.18 12.50
N HIS A 53 -1.90 13.88 13.41
CA HIS A 53 -1.35 15.23 13.25
C HIS A 53 -0.19 15.44 14.24
N ASP A 54 0.69 14.44 14.35
CA ASP A 54 1.94 14.56 15.10
C ASP A 54 2.92 15.49 14.35
N PHE A 55 4.00 15.94 15.01
CA PHE A 55 4.93 16.92 14.45
C PHE A 55 6.34 16.76 15.02
N PHE A 1 0.73 -16.64 -4.62
CA PHE A 1 0.36 -15.38 -3.98
C PHE A 1 0.09 -15.60 -2.51
N GLN A 2 1.19 -15.50 -1.76
CA GLN A 2 1.22 -14.94 -0.43
C GLN A 2 2.70 -14.81 -0.10
N GLY A 3 3.02 -13.99 0.90
CA GLY A 3 4.36 -13.83 1.48
C GLY A 3 5.29 -13.04 0.56
N ASN A 4 5.59 -13.61 -0.61
CA ASN A 4 6.58 -13.10 -1.56
C ASN A 4 6.26 -11.72 -2.14
N PRO A 5 5.02 -11.39 -2.55
CA PRO A 5 4.67 -10.00 -2.89
C PRO A 5 5.07 -9.00 -1.80
N CYS A 6 5.17 -9.42 -0.53
CA CYS A 6 5.54 -8.59 0.63
C CYS A 6 6.97 -8.88 1.09
N GLU A 7 7.86 -9.42 0.24
CA GLU A 7 9.30 -9.57 0.50
C GLU A 7 9.95 -8.17 0.55
N CYS A 8 9.69 -7.45 1.65
CA CYS A 8 9.96 -6.02 1.82
C CYS A 8 9.95 -5.67 3.32
N PRO A 9 10.42 -4.47 3.70
CA PRO A 9 10.40 -4.03 5.09
C PRO A 9 9.02 -3.52 5.49
N ARG A 10 8.72 -3.54 6.80
CA ARG A 10 7.54 -2.87 7.37
C ARG A 10 7.80 -1.36 7.51
N ALA A 11 8.39 -0.74 6.46
CA ALA A 11 8.70 0.66 6.40
C ALA A 11 7.43 1.51 6.38
N LEU A 12 7.45 2.64 7.08
CA LEU A 12 6.37 3.60 7.17
C LEU A 12 6.42 4.60 6.00
N HIS A 13 6.66 4.10 4.78
CA HIS A 13 6.77 4.93 3.57
C HIS A 13 5.40 5.12 2.92
N ARG A 14 4.37 5.44 3.71
CA ARG A 14 2.95 5.35 3.37
C ARG A 14 2.55 5.99 2.04
N VAL A 15 1.56 5.36 1.39
CA VAL A 15 1.08 5.72 0.06
C VAL A 15 -0.40 5.42 -0.06
N CYS A 16 -1.05 5.78 -1.17
CA CYS A 16 -2.47 5.55 -1.38
C CYS A 16 -2.70 4.61 -2.55
N GLY A 17 -3.62 3.65 -2.37
CA GLY A 17 -4.25 2.93 -3.47
C GLY A 17 -5.59 3.54 -3.86
N SER A 18 -6.04 3.15 -5.04
CA SER A 18 -7.16 3.72 -5.79
C SER A 18 -8.53 3.79 -5.12
N ASP A 19 -8.75 3.06 -4.04
CA ASP A 19 -9.95 3.18 -3.21
C ASP A 19 -9.86 4.39 -2.26
N GLY A 20 -8.70 5.05 -2.16
CA GLY A 20 -8.43 6.11 -1.17
C GLY A 20 -7.72 5.53 0.06
N ASN A 21 -7.55 4.21 0.10
CA ASN A 21 -6.94 3.43 1.14
C ASN A 21 -5.44 3.69 1.16
N THR A 22 -4.94 4.30 2.24
CA THR A 22 -3.53 4.36 2.50
C THR A 22 -2.97 2.95 2.80
N TYR A 23 -1.74 2.68 2.36
CA TYR A 23 -0.96 1.48 2.65
C TYR A 23 0.34 1.92 3.30
N SER A 24 0.92 1.08 4.17
CA SER A 24 2.08 1.41 4.99
C SER A 24 3.33 1.80 4.18
N ASN A 25 3.45 1.28 2.95
CA ASN A 25 4.48 1.58 1.97
C ASN A 25 3.97 1.07 0.61
N PRO A 26 4.54 1.50 -0.54
CA PRO A 26 4.06 1.04 -1.83
C PRO A 26 4.40 -0.43 -2.10
N CYS A 27 5.34 -0.99 -1.34
CA CYS A 27 5.59 -2.40 -1.36
C CYS A 27 4.39 -3.19 -0.83
N MET A 28 3.72 -2.72 0.24
CA MET A 28 2.50 -3.33 0.78
C MET A 28 1.33 -3.23 -0.20
N LEU A 29 1.17 -2.08 -0.88
CA LEU A 29 0.20 -1.91 -1.96
C LEU A 29 0.50 -2.90 -3.06
N THR A 30 1.65 -2.76 -3.71
CA THR A 30 1.94 -3.62 -4.85
C THR A 30 1.95 -5.09 -4.43
N CYS A 31 2.34 -5.41 -3.19
CA CYS A 31 2.26 -6.71 -2.61
C CYS A 31 0.83 -7.21 -2.79
N ALA A 32 -0.10 -6.60 -2.07
CA ALA A 32 -1.53 -6.83 -2.16
C ALA A 32 -1.98 -7.01 -3.60
N LYS A 33 -1.63 -6.02 -4.43
CA LYS A 33 -1.96 -5.93 -5.84
C LYS A 33 -1.62 -7.22 -6.57
N HIS A 34 -0.32 -7.52 -6.59
CA HIS A 34 0.26 -8.72 -7.17
C HIS A 34 -0.22 -9.98 -6.47
N GLU A 35 -0.61 -9.87 -5.19
CA GLU A 35 -1.09 -11.02 -4.44
C GLU A 35 -2.51 -11.37 -4.94
N GLY A 36 -3.47 -10.46 -4.78
CA GLY A 36 -4.87 -10.71 -5.08
C GLY A 36 -5.70 -9.44 -5.30
N ASN A 37 -5.09 -8.29 -5.62
CA ASN A 37 -5.83 -7.04 -5.86
C ASN A 37 -5.47 -6.48 -7.24
N PRO A 38 -5.75 -7.14 -8.38
CA PRO A 38 -5.31 -6.66 -9.69
C PRO A 38 -5.87 -5.27 -10.05
N ASP A 39 -6.92 -4.83 -9.34
CA ASP A 39 -7.62 -3.56 -9.45
C ASP A 39 -6.94 -2.42 -8.69
N LEU A 40 -6.13 -2.76 -7.68
CA LEU A 40 -5.32 -1.80 -6.95
C LEU A 40 -4.30 -1.25 -7.92
N VAL A 41 -3.88 -0.01 -7.72
CA VAL A 41 -2.85 0.66 -8.48
C VAL A 41 -2.22 1.73 -7.60
N GLN A 42 -1.00 2.16 -7.96
CA GLN A 42 -0.37 3.33 -7.39
C GLN A 42 -1.07 4.58 -7.93
N VAL A 43 -2.19 4.97 -7.34
CA VAL A 43 -2.82 6.24 -7.63
C VAL A 43 -1.88 7.39 -7.28
N HIS A 44 -1.18 7.29 -6.14
CA HIS A 44 -0.11 8.20 -5.73
C HIS A 44 0.79 7.49 -4.74
N GLU A 45 2.11 7.70 -4.84
CA GLU A 45 3.12 7.22 -3.88
C GLU A 45 3.31 8.18 -2.69
N GLY A 46 2.20 8.77 -2.24
CA GLY A 46 2.05 9.47 -0.98
C GLY A 46 0.64 9.18 -0.46
N PRO A 47 0.38 9.36 0.83
CA PRO A 47 -0.84 8.86 1.46
C PRO A 47 -2.05 9.74 1.11
N CYS A 48 -3.23 9.12 1.04
CA CYS A 48 -4.51 9.79 0.84
C CYS A 48 -5.04 10.24 2.19
N ASP A 49 -5.47 9.24 2.97
CA ASP A 49 -6.19 9.36 4.21
C ASP A 49 -6.32 7.96 4.82
N GLU A 50 -6.63 7.88 6.12
CA GLU A 50 -7.12 6.73 6.86
C GLU A 50 -7.56 7.22 8.25
N HIS A 51 -8.47 6.51 8.93
CA HIS A 51 -9.01 6.95 10.22
C HIS A 51 -9.19 5.82 11.24
N ASP A 52 -8.31 4.82 11.20
CA ASP A 52 -8.19 3.70 12.12
C ASP A 52 -6.90 2.94 11.72
N HIS A 53 -6.61 1.80 12.34
CA HIS A 53 -5.65 0.84 11.84
C HIS A 53 -6.19 -0.57 12.12
N ASP A 54 -7.10 -1.01 11.26
CA ASP A 54 -7.49 -2.42 11.13
C ASP A 54 -6.25 -3.29 10.87
N PHE A 55 -6.40 -4.60 11.05
CA PHE A 55 -5.36 -5.62 10.93
C PHE A 55 -6.04 -6.98 10.74
N PHE A 1 0.80 -17.00 -4.49
CA PHE A 1 0.71 -15.58 -4.09
C PHE A 1 0.79 -15.56 -2.57
N GLN A 2 1.91 -15.09 -2.01
CA GLN A 2 2.04 -14.44 -0.70
C GLN A 2 3.49 -13.99 -0.52
N GLY A 3 4.36 -14.93 -0.15
CA GLY A 3 5.78 -14.76 0.12
C GLY A 3 6.57 -14.71 -1.18
N ASN A 4 6.27 -13.71 -2.00
CA ASN A 4 7.00 -13.30 -3.20
C ASN A 4 6.62 -11.84 -3.49
N PRO A 5 5.33 -11.48 -3.62
CA PRO A 5 4.93 -10.08 -3.56
C PRO A 5 5.29 -9.45 -2.21
N CYS A 6 4.92 -10.08 -1.09
CA CYS A 6 5.21 -9.55 0.24
C CYS A 6 6.54 -10.11 0.72
N GLU A 7 7.62 -9.40 0.35
CA GLU A 7 8.99 -9.73 0.72
C GLU A 7 9.74 -8.43 1.01
N CYS A 8 9.13 -7.55 1.83
CA CYS A 8 9.48 -6.14 1.98
C CYS A 8 9.47 -5.69 3.44
N PRO A 9 10.07 -4.52 3.77
CA PRO A 9 10.19 -4.05 5.14
C PRO A 9 8.92 -3.34 5.64
N ARG A 10 8.86 -3.10 6.95
CA ARG A 10 7.83 -2.27 7.58
C ARG A 10 8.22 -0.78 7.53
N ALA A 11 8.72 -0.31 6.37
CA ALA A 11 8.98 1.08 6.09
C ALA A 11 7.67 1.87 6.13
N LEU A 12 7.65 3.05 6.77
CA LEU A 12 6.50 3.92 7.02
C LEU A 12 6.18 4.90 5.87
N HIS A 13 6.23 4.43 4.62
CA HIS A 13 5.73 5.19 3.47
C HIS A 13 4.21 5.06 3.46
N ARG A 14 3.46 5.86 4.23
CA ARG A 14 2.00 5.86 4.10
C ARG A 14 1.68 6.33 2.68
N VAL A 15 1.00 5.48 1.93
CA VAL A 15 0.69 5.72 0.52
C VAL A 15 -0.74 5.30 0.26
N CYS A 16 -1.39 5.85 -0.75
CA CYS A 16 -2.77 5.51 -1.02
C CYS A 16 -2.87 4.65 -2.27
N GLY A 17 -3.71 3.61 -2.18
CA GLY A 17 -4.19 2.90 -3.35
C GLY A 17 -5.56 3.46 -3.76
N SER A 18 -5.94 3.14 -5.00
CA SER A 18 -7.10 3.61 -5.75
C SER A 18 -8.36 3.89 -4.94
N ASP A 19 -8.60 2.98 -4.02
CA ASP A 19 -9.70 2.74 -3.12
C ASP A 19 -9.81 3.84 -2.05
N GLY A 20 -8.93 4.85 -2.05
CA GLY A 20 -8.73 5.79 -0.95
C GLY A 20 -7.95 5.14 0.20
N ASN A 21 -7.67 3.84 0.09
CA ASN A 21 -7.10 2.99 1.11
C ASN A 21 -5.61 3.25 1.26
N THR A 22 -5.20 3.91 2.36
CA THR A 22 -3.79 4.03 2.67
C THR A 22 -3.18 2.67 3.04
N TYR A 23 -1.92 2.45 2.65
CA TYR A 23 -1.09 1.29 2.94
C TYR A 23 0.18 1.81 3.59
N SER A 24 0.82 0.99 4.44
CA SER A 24 2.00 1.34 5.20
C SER A 24 3.24 1.60 4.34
N ASN A 25 3.30 1.05 3.11
CA ASN A 25 4.31 1.29 2.10
C ASN A 25 3.79 0.81 0.74
N PRO A 26 4.34 1.35 -0.37
CA PRO A 26 3.88 1.00 -1.71
C PRO A 26 4.23 -0.44 -2.06
N CYS A 27 5.19 -1.04 -1.34
CA CYS A 27 5.50 -2.44 -1.45
C CYS A 27 4.33 -3.30 -0.95
N MET A 28 3.69 -2.95 0.17
CA MET A 28 2.49 -3.66 0.64
C MET A 28 1.33 -3.55 -0.37
N LEU A 29 1.12 -2.38 -0.98
CA LEU A 29 0.17 -2.20 -2.08
C LEU A 29 0.52 -3.13 -3.22
N THR A 30 1.68 -2.93 -3.82
CA THR A 30 2.04 -3.69 -5.01
C THR A 30 2.11 -5.18 -4.70
N CYS A 31 2.46 -5.55 -3.45
CA CYS A 31 2.44 -6.91 -2.97
C CYS A 31 1.04 -7.43 -3.22
N ALA A 32 0.08 -6.92 -2.46
CA ALA A 32 -1.34 -7.20 -2.57
C ALA A 32 -1.77 -7.29 -4.02
N LYS A 33 -1.45 -6.26 -4.78
CA LYS A 33 -1.75 -6.12 -6.19
C LYS A 33 -1.36 -7.39 -6.94
N HIS A 34 -0.08 -7.72 -6.94
CA HIS A 34 0.44 -8.93 -7.56
C HIS A 34 0.01 -10.21 -6.83
N GLU A 35 -0.43 -10.11 -5.57
CA GLU A 35 -0.83 -11.28 -4.79
C GLU A 35 -2.25 -11.70 -5.20
N GLY A 36 -3.20 -10.76 -5.20
CA GLY A 36 -4.59 -11.03 -5.54
C GLY A 36 -5.44 -9.78 -5.78
N ASN A 37 -4.85 -8.62 -6.12
CA ASN A 37 -5.59 -7.38 -6.34
C ASN A 37 -5.20 -6.74 -7.68
N PRO A 38 -5.39 -7.39 -8.85
CA PRO A 38 -4.91 -6.84 -10.13
C PRO A 38 -5.48 -5.44 -10.42
N ASP A 39 -6.63 -5.15 -9.84
CA ASP A 39 -7.43 -3.94 -9.82
C ASP A 39 -6.81 -2.76 -9.04
N LEU A 40 -6.03 -3.05 -7.99
CA LEU A 40 -5.33 -2.03 -7.20
C LEU A 40 -4.30 -1.38 -8.09
N VAL A 41 -3.91 -0.15 -7.78
CA VAL A 41 -2.90 0.62 -8.47
C VAL A 41 -2.28 1.64 -7.51
N GLN A 42 -1.03 2.03 -7.78
CA GLN A 42 -0.42 3.18 -7.14
C GLN A 42 -1.01 4.45 -7.76
N VAL A 43 -2.18 4.87 -7.26
CA VAL A 43 -2.76 6.16 -7.59
C VAL A 43 -1.79 7.29 -7.25
N HIS A 44 -1.06 7.17 -6.12
CA HIS A 44 -0.13 8.18 -5.61
C HIS A 44 0.80 7.53 -4.58
N GLU A 45 2.11 7.84 -4.59
CA GLU A 45 3.02 7.46 -3.50
C GLU A 45 2.94 8.54 -2.40
N GLY A 46 1.79 8.60 -1.74
CA GLY A 46 1.55 9.42 -0.56
C GLY A 46 0.10 9.20 -0.12
N PRO A 47 -0.24 9.46 1.15
CA PRO A 47 -1.44 8.89 1.76
C PRO A 47 -2.70 9.69 1.45
N CYS A 48 -3.83 8.99 1.48
CA CYS A 48 -5.17 9.57 1.47
C CYS A 48 -5.55 9.89 2.92
N ASP A 49 -5.36 8.90 3.80
CA ASP A 49 -5.60 8.95 5.22
C ASP A 49 -4.48 9.73 5.92
N GLU A 50 -4.61 11.04 5.93
CA GLU A 50 -3.79 12.01 6.68
C GLU A 50 -4.52 13.35 6.64
N HIS A 51 -3.96 14.42 7.21
CA HIS A 51 -4.63 15.72 7.31
C HIS A 51 -3.67 16.90 7.13
N ASP A 52 -2.47 16.83 7.70
CA ASP A 52 -1.50 17.90 7.87
C ASP A 52 -0.22 17.26 8.44
N HIS A 53 0.85 18.05 8.55
CA HIS A 53 2.02 17.80 9.40
C HIS A 53 2.37 19.14 10.07
N ASP A 54 1.41 19.79 10.74
CA ASP A 54 1.48 21.22 11.02
C ASP A 54 0.90 21.53 12.41
N PHE A 55 1.71 22.18 13.26
CA PHE A 55 1.33 22.65 14.58
C PHE A 55 0.93 24.12 14.50
N PHE A 1 1.52 -16.42 -4.98
CA PHE A 1 1.01 -15.10 -4.54
C PHE A 1 0.86 -15.23 -3.03
N GLN A 2 1.86 -14.73 -2.29
CA GLN A 2 1.87 -14.47 -0.86
C GLN A 2 3.23 -13.82 -0.57
N GLY A 3 4.26 -14.65 -0.32
CA GLY A 3 5.61 -14.19 -0.02
C GLY A 3 6.35 -13.65 -1.25
N ASN A 4 6.02 -14.09 -2.47
CA ASN A 4 6.70 -13.60 -3.68
C ASN A 4 6.48 -12.09 -3.87
N PRO A 5 5.24 -11.57 -3.79
CA PRO A 5 4.99 -10.15 -3.57
C PRO A 5 5.47 -9.67 -2.19
N CYS A 6 4.86 -10.14 -1.10
CA CYS A 6 4.91 -9.45 0.18
C CYS A 6 6.11 -9.84 1.03
N GLU A 7 7.29 -9.35 0.64
CA GLU A 7 8.57 -9.61 1.31
C GLU A 7 9.33 -8.30 1.68
N CYS A 8 8.68 -7.14 1.52
CA CYS A 8 9.29 -5.83 1.73
C CYS A 8 9.46 -5.48 3.22
N PRO A 9 10.28 -4.45 3.55
CA PRO A 9 10.61 -4.12 4.93
C PRO A 9 9.49 -3.33 5.61
N ARG A 10 9.61 -3.18 6.93
CA ARG A 10 8.76 -2.34 7.78
C ARG A 10 9.10 -0.85 7.60
N ALA A 11 9.29 -0.41 6.36
CA ALA A 11 9.38 0.96 5.97
C ALA A 11 8.04 1.62 6.21
N LEU A 12 8.02 2.57 7.16
CA LEU A 12 6.92 3.48 7.37
C LEU A 12 6.99 4.52 6.26
N HIS A 13 6.14 4.38 5.24
CA HIS A 13 5.95 5.43 4.25
C HIS A 13 4.50 5.31 3.80
N ARG A 14 3.55 5.84 4.58
CA ARG A 14 2.13 5.59 4.31
C ARG A 14 1.77 6.10 2.91
N VAL A 15 1.06 5.28 2.11
CA VAL A 15 0.65 5.65 0.75
C VAL A 15 -0.79 5.30 0.50
N CYS A 16 -1.37 5.79 -0.60
CA CYS A 16 -2.74 5.54 -0.98
C CYS A 16 -2.80 4.77 -2.29
N GLY A 17 -3.66 3.74 -2.33
CA GLY A 17 -4.11 3.07 -3.55
C GLY A 17 -5.46 3.64 -4.00
N SER A 18 -5.85 3.35 -5.25
CA SER A 18 -6.91 4.03 -6.01
C SER A 18 -8.20 4.37 -5.26
N ASP A 19 -8.67 3.46 -4.41
CA ASP A 19 -9.90 3.56 -3.64
C ASP A 19 -9.85 4.66 -2.55
N GLY A 20 -8.71 5.37 -2.42
CA GLY A 20 -8.39 6.11 -1.19
C GLY A 20 -7.75 5.20 -0.13
N ASN A 21 -7.62 3.90 -0.44
CA ASN A 21 -7.22 2.83 0.44
C ASN A 21 -5.73 2.98 0.82
N THR A 22 -5.44 3.62 1.95
CA THR A 22 -4.09 3.80 2.45
C THR A 22 -3.41 2.47 2.87
N TYR A 23 -2.10 2.33 2.64
CA TYR A 23 -1.21 1.22 2.98
C TYR A 23 0.06 1.74 3.67
N SER A 24 0.69 0.90 4.49
CA SER A 24 1.98 1.02 5.18
C SER A 24 3.15 1.52 4.32
N ASN A 25 3.26 1.06 3.06
CA ASN A 25 4.27 1.46 2.08
C ASN A 25 3.80 1.04 0.68
N PRO A 26 4.31 1.64 -0.42
CA PRO A 26 3.83 1.33 -1.76
C PRO A 26 4.28 -0.05 -2.22
N CYS A 27 5.32 -0.59 -1.58
CA CYS A 27 5.74 -1.95 -1.79
C CYS A 27 4.60 -2.88 -1.42
N MET A 28 3.95 -2.69 -0.26
CA MET A 28 2.82 -3.49 0.17
C MET A 28 1.61 -3.37 -0.76
N LEU A 29 1.37 -2.20 -1.38
CA LEU A 29 0.33 -2.03 -2.40
C LEU A 29 0.63 -2.94 -3.56
N THR A 30 1.76 -2.74 -4.21
CA THR A 30 2.07 -3.59 -5.36
C THR A 30 2.15 -5.06 -4.95
N CYS A 31 2.61 -5.35 -3.71
CA CYS A 31 2.67 -6.70 -3.18
C CYS A 31 1.26 -7.26 -3.25
N ALA A 32 0.32 -6.64 -2.53
CA ALA A 32 -1.10 -6.91 -2.55
C ALA A 32 -1.63 -7.10 -3.96
N LYS A 33 -1.33 -6.12 -4.82
CA LYS A 33 -1.80 -6.09 -6.20
C LYS A 33 -1.51 -7.42 -6.87
N HIS A 34 -0.22 -7.75 -6.95
CA HIS A 34 0.25 -9.02 -7.51
C HIS A 34 -0.11 -10.22 -6.65
N GLU A 35 -0.47 -10.01 -5.37
CA GLU A 35 -0.83 -11.11 -4.48
C GLU A 35 -2.27 -11.56 -4.75
N GLY A 36 -3.19 -10.61 -4.89
CA GLY A 36 -4.59 -10.93 -5.10
C GLY A 36 -5.48 -9.70 -5.33
N ASN A 37 -4.91 -8.53 -5.67
CA ASN A 37 -5.68 -7.31 -5.83
C ASN A 37 -5.50 -6.78 -7.27
N PRO A 38 -5.90 -7.48 -8.34
CA PRO A 38 -5.63 -7.05 -9.70
C PRO A 38 -6.24 -5.68 -10.03
N ASP A 39 -7.27 -5.27 -9.28
CA ASP A 39 -8.00 -4.01 -9.34
C ASP A 39 -7.23 -2.84 -8.73
N LEU A 40 -6.35 -3.12 -7.78
CA LEU A 40 -5.50 -2.12 -7.16
C LEU A 40 -4.58 -1.62 -8.25
N VAL A 41 -4.09 -0.39 -8.11
CA VAL A 41 -3.15 0.26 -8.98
C VAL A 41 -2.33 1.26 -8.16
N GLN A 42 -1.07 1.48 -8.54
CA GLN A 42 -0.24 2.53 -7.98
C GLN A 42 -0.71 3.85 -8.60
N VAL A 43 -1.75 4.45 -7.98
CA VAL A 43 -2.17 5.81 -8.24
C VAL A 43 -0.99 6.76 -8.07
N HIS A 44 -0.41 6.76 -6.86
CA HIS A 44 0.76 7.56 -6.49
C HIS A 44 1.25 7.10 -5.10
N GLU A 45 2.23 7.81 -4.54
CA GLU A 45 2.73 7.67 -3.17
C GLU A 45 1.88 8.54 -2.21
N GLY A 46 2.21 8.60 -0.92
CA GLY A 46 1.58 9.52 0.03
C GLY A 46 0.17 9.09 0.47
N PRO A 47 -0.21 9.29 1.76
CA PRO A 47 -1.43 8.69 2.30
C PRO A 47 -2.67 9.54 1.97
N CYS A 48 -3.79 8.85 1.76
CA CYS A 48 -5.08 9.51 1.58
C CYS A 48 -5.75 9.75 2.93
N ASP A 49 -5.55 8.86 3.90
CA ASP A 49 -6.12 8.99 5.22
C ASP A 49 -5.41 10.16 5.95
N GLU A 50 -6.17 10.95 6.70
CA GLU A 50 -5.72 12.25 7.19
C GLU A 50 -4.93 12.06 8.50
N HIS A 51 -3.76 11.41 8.38
CA HIS A 51 -2.92 11.00 9.49
C HIS A 51 -1.76 11.98 9.67
N ASP A 52 -0.67 11.77 8.91
CA ASP A 52 0.58 12.52 8.90
C ASP A 52 1.39 11.93 7.73
N HIS A 53 2.45 12.63 7.32
CA HIS A 53 3.24 12.27 6.14
C HIS A 53 4.70 12.63 6.38
N ASP A 54 5.31 11.94 7.34
CA ASP A 54 6.70 12.05 7.75
C ASP A 54 7.22 10.65 8.14
N PHE A 55 8.43 10.58 8.71
CA PHE A 55 9.13 9.34 9.04
C PHE A 55 8.91 8.95 10.49
N PHE A 1 0.74 -16.71 -3.53
CA PHE A 1 0.54 -15.25 -3.52
C PHE A 1 0.44 -14.85 -2.06
N GLN A 2 1.56 -14.42 -1.46
CA GLN A 2 1.63 -14.00 -0.06
C GLN A 2 3.04 -13.49 0.28
N GLY A 3 4.02 -14.39 0.25
CA GLY A 3 5.46 -14.15 0.55
C GLY A 3 6.33 -13.89 -0.69
N ASN A 4 5.82 -14.20 -1.88
CA ASN A 4 6.35 -13.85 -3.20
C ASN A 4 6.12 -12.35 -3.49
N PRO A 5 4.89 -11.84 -3.42
CA PRO A 5 4.62 -10.42 -3.63
C PRO A 5 5.14 -9.60 -2.43
N CYS A 6 4.76 -9.90 -1.17
CA CYS A 6 5.16 -9.11 0.01
C CYS A 6 6.48 -9.62 0.51
N GLU A 7 7.44 -8.71 0.60
CA GLU A 7 8.85 -8.97 0.93
C GLU A 7 9.60 -7.67 1.18
N CYS A 8 8.91 -6.63 1.67
CA CYS A 8 9.54 -5.34 1.94
C CYS A 8 9.67 -5.09 3.44
N PRO A 9 10.51 -4.11 3.84
CA PRO A 9 10.69 -3.77 5.23
C PRO A 9 9.42 -3.07 5.77
N ARG A 10 9.42 -2.84 7.09
CA ARG A 10 8.42 -2.04 7.80
C ARG A 10 8.70 -0.55 7.60
N ALA A 11 8.96 -0.13 6.37
CA ALA A 11 9.03 1.25 6.00
C ALA A 11 7.66 1.88 6.16
N LEU A 12 7.54 2.95 6.96
CA LEU A 12 6.31 3.70 7.17
C LEU A 12 6.11 4.69 6.03
N HIS A 13 6.23 4.20 4.80
CA HIS A 13 5.98 4.96 3.60
C HIS A 13 4.46 5.00 3.39
N ARG A 14 3.68 5.53 4.33
CA ARG A 14 2.22 5.59 4.22
C ARG A 14 1.79 6.14 2.86
N VAL A 15 0.99 5.37 2.11
CA VAL A 15 0.55 5.68 0.76
C VAL A 15 -0.93 5.44 0.59
N CYS A 16 -1.50 5.72 -0.58
CA CYS A 16 -2.92 5.55 -0.81
C CYS A 16 -3.09 4.74 -2.09
N GLY A 17 -4.12 3.90 -2.10
CA GLY A 17 -4.51 3.15 -3.28
C GLY A 17 -5.61 3.91 -4.01
N SER A 18 -5.94 3.44 -5.21
CA SER A 18 -7.04 3.96 -6.04
C SER A 18 -8.39 4.04 -5.32
N ASP A 19 -8.56 3.20 -4.30
CA ASP A 19 -9.71 3.13 -3.41
C ASP A 19 -9.63 4.15 -2.26
N GLY A 20 -8.57 4.98 -2.17
CA GLY A 20 -8.30 5.85 -1.02
C GLY A 20 -7.71 5.07 0.16
N ASN A 21 -7.68 3.74 0.06
CA ASN A 21 -7.24 2.85 1.11
C ASN A 21 -5.76 3.11 1.34
N THR A 22 -5.46 3.74 2.47
CA THR A 22 -4.09 4.00 2.85
C THR A 22 -3.42 2.64 3.11
N TYR A 23 -2.13 2.53 2.80
CA TYR A 23 -1.27 1.38 3.01
C TYR A 23 -0.08 1.88 3.84
N SER A 24 0.38 1.09 4.82
CA SER A 24 1.61 1.28 5.61
C SER A 24 2.82 1.66 4.73
N ASN A 25 2.83 1.14 3.50
CA ASN A 25 3.88 1.29 2.50
C ASN A 25 3.36 0.91 1.11
N PRO A 26 3.98 1.45 0.04
CA PRO A 26 3.64 1.14 -1.35
C PRO A 26 4.19 -0.23 -1.75
N CYS A 27 5.23 -0.69 -1.06
CA CYS A 27 5.79 -2.01 -1.28
C CYS A 27 4.79 -3.12 -0.91
N MET A 28 3.87 -2.86 0.02
CA MET A 28 2.76 -3.75 0.33
C MET A 28 1.64 -3.67 -0.71
N LEU A 29 1.37 -2.50 -1.28
CA LEU A 29 0.35 -2.31 -2.31
C LEU A 29 0.67 -3.26 -3.46
N THR A 30 1.76 -3.03 -4.18
CA THR A 30 2.16 -3.84 -5.32
C THR A 30 2.14 -5.34 -4.99
N CYS A 31 2.56 -5.71 -3.75
CA CYS A 31 2.53 -7.05 -3.24
C CYS A 31 1.11 -7.55 -3.46
N ALA A 32 0.18 -7.02 -2.67
CA ALA A 32 -1.24 -7.29 -2.70
C ALA A 32 -1.74 -7.37 -4.12
N LYS A 33 -1.42 -6.34 -4.91
CA LYS A 33 -1.73 -6.29 -6.32
C LYS A 33 -1.40 -7.58 -7.09
N HIS A 34 -0.12 -7.90 -7.19
CA HIS A 34 0.39 -9.14 -7.76
C HIS A 34 -0.04 -10.38 -6.95
N GLU A 35 -0.51 -10.19 -5.71
CA GLU A 35 -0.98 -11.26 -4.85
C GLU A 35 -2.35 -11.74 -5.36
N GLY A 36 -3.35 -10.86 -5.24
CA GLY A 36 -4.75 -11.10 -5.55
C GLY A 36 -5.51 -9.78 -5.60
N ASN A 37 -4.92 -8.71 -6.17
CA ASN A 37 -5.61 -7.44 -6.31
C ASN A 37 -5.34 -6.80 -7.69
N PRO A 38 -5.69 -7.45 -8.82
CA PRO A 38 -5.38 -6.90 -10.15
C PRO A 38 -6.08 -5.55 -10.42
N ASP A 39 -7.01 -5.12 -9.55
CA ASP A 39 -7.73 -3.83 -9.58
C ASP A 39 -7.03 -2.72 -8.82
N LEU A 40 -6.20 -3.07 -7.84
CA LEU A 40 -5.41 -2.09 -7.10
C LEU A 40 -4.43 -1.52 -8.09
N VAL A 41 -4.02 -0.27 -7.91
CA VAL A 41 -3.02 0.41 -8.70
C VAL A 41 -2.32 1.41 -7.78
N GLN A 42 -1.06 1.74 -8.06
CA GLN A 42 -0.30 2.81 -7.40
C GLN A 42 -0.78 4.12 -8.01
N VAL A 43 -1.90 4.65 -7.52
CA VAL A 43 -2.37 5.98 -7.85
C VAL A 43 -1.33 7.05 -7.53
N HIS A 44 -0.72 6.97 -6.34
CA HIS A 44 0.37 7.80 -5.91
C HIS A 44 1.04 7.16 -4.68
N GLU A 45 2.30 7.51 -4.45
CA GLU A 45 3.16 7.19 -3.30
C GLU A 45 2.97 8.22 -2.18
N GLY A 46 1.73 8.43 -1.75
CA GLY A 46 1.44 9.39 -0.71
C GLY A 46 0.15 8.99 0.00
N PRO A 47 -0.02 9.29 1.29
CA PRO A 47 -1.18 8.84 2.04
C PRO A 47 -2.44 9.65 1.70
N CYS A 48 -3.62 9.00 1.72
CA CYS A 48 -4.92 9.62 1.43
C CYS A 48 -5.51 10.26 2.69
N ASP A 49 -5.84 9.42 3.69
CA ASP A 49 -6.46 9.81 4.95
C ASP A 49 -5.56 10.74 5.76
N GLU A 50 -4.55 10.15 6.39
CA GLU A 50 -3.49 10.84 7.11
C GLU A 50 -2.56 11.55 6.12
N HIS A 51 -1.59 12.27 6.68
CA HIS A 51 -0.65 13.03 5.92
C HIS A 51 0.62 13.10 6.75
N ASP A 52 1.39 12.00 6.78
CA ASP A 52 2.70 12.00 7.42
C ASP A 52 3.57 13.13 6.83
N HIS A 53 4.54 13.57 7.62
CA HIS A 53 5.50 14.60 7.24
C HIS A 53 6.80 14.36 8.04
N ASP A 54 7.27 13.11 8.11
CA ASP A 54 8.56 12.76 8.70
C ASP A 54 9.73 13.28 7.84
N PHE A 55 10.93 13.38 8.42
CA PHE A 55 12.13 13.87 7.78
C PHE A 55 13.34 13.47 8.63
#